data_2EN0
#
_entry.id   2EN0
#
loop_
_entity.id
_entity.type
_entity.pdbx_description
1 polymer 'Zinc finger protein 268'
2 non-polymer 'ZINC ION'
#
_entity_poly.entity_id   1
_entity_poly.type   'polypeptide(L)'
_entity_poly.pdbx_seq_one_letter_code
;GSSGSSGQKPYVCNECGKAFGLKSQLIIHERIHTGESGPSSG
;
_entity_poly.pdbx_strand_id   A
#
loop_
_chem_comp.id
_chem_comp.type
_chem_comp.name
_chem_comp.formula
ZN non-polymer 'ZINC ION' 'Zn 2'
#
# COMPACT_ATOMS: atom_id res chain seq x y z
N GLY A 1 0.49 -5.58 19.07
CA GLY A 1 1.80 -5.59 18.43
C GLY A 1 1.71 -5.43 16.92
N SER A 2 0.88 -6.26 16.30
CA SER A 2 0.71 -6.22 14.86
C SER A 2 0.26 -4.83 14.40
N SER A 3 0.83 -4.36 13.30
CA SER A 3 0.50 -3.05 12.76
C SER A 3 -1.01 -2.90 12.59
N GLY A 4 -1.65 -3.97 12.13
CA GLY A 4 -3.09 -3.95 11.93
C GLY A 4 -3.61 -5.20 11.25
N SER A 5 -3.74 -6.28 12.03
CA SER A 5 -4.22 -7.55 11.50
C SER A 5 -5.71 -7.72 11.78
N SER A 6 -6.47 -6.66 11.58
CA SER A 6 -7.92 -6.69 11.82
C SER A 6 -8.62 -5.61 11.01
N GLY A 7 -9.47 -6.03 10.08
CA GLY A 7 -10.19 -5.09 9.25
C GLY A 7 -10.11 -5.42 7.78
N GLN A 8 -11.23 -5.28 7.07
CA GLN A 8 -11.28 -5.57 5.65
C GLN A 8 -10.60 -4.47 4.85
N LYS A 9 -9.56 -4.84 4.09
CA LYS A 9 -8.83 -3.88 3.27
C LYS A 9 -8.77 -4.33 1.82
N PRO A 10 -9.74 -3.88 1.02
CA PRO A 10 -9.83 -4.22 -0.40
C PRO A 10 -8.71 -3.58 -1.22
N TYR A 11 -8.37 -2.34 -0.88
CA TYR A 11 -7.32 -1.61 -1.58
C TYR A 11 -5.94 -2.17 -1.22
N VAL A 12 -5.43 -3.06 -2.06
CA VAL A 12 -4.12 -3.67 -1.83
C VAL A 12 -3.09 -3.11 -2.80
N CYS A 13 -1.88 -2.85 -2.29
CA CYS A 13 -0.80 -2.32 -3.12
C CYS A 13 -0.17 -3.42 -3.96
N ASN A 14 -0.11 -3.20 -5.27
CA ASN A 14 0.46 -4.16 -6.19
C ASN A 14 1.99 -4.01 -6.26
N GLU A 15 2.50 -3.04 -5.52
CA GLU A 15 3.94 -2.79 -5.51
C GLU A 15 4.62 -3.57 -4.38
N CYS A 16 4.01 -3.53 -3.19
CA CYS A 16 4.55 -4.24 -2.04
C CYS A 16 3.56 -5.26 -1.51
N GLY A 17 2.28 -4.88 -1.49
CA GLY A 17 1.24 -5.78 -1.01
C GLY A 17 0.57 -5.27 0.25
N LYS A 18 0.57 -3.94 0.43
CA LYS A 18 -0.04 -3.34 1.61
C LYS A 18 -1.52 -3.05 1.37
N ALA A 19 -2.35 -3.47 2.31
CA ALA A 19 -3.79 -3.26 2.20
C ALA A 19 -4.22 -2.02 3.00
N PHE A 20 -5.18 -1.28 2.45
CA PHE A 20 -5.68 -0.08 3.11
C PHE A 20 -7.20 -0.05 3.10
N GLY A 21 -7.80 -0.17 4.29
CA GLY A 21 -9.24 -0.16 4.40
C GLY A 21 -9.87 0.98 3.60
N LEU A 22 -9.07 1.98 3.27
CA LEU A 22 -9.56 3.12 2.50
C LEU A 22 -8.84 3.23 1.16
N LYS A 23 -9.48 3.89 0.20
CA LYS A 23 -8.91 4.07 -1.13
C LYS A 23 -7.76 5.07 -1.09
N SER A 24 -8.08 6.32 -0.79
CA SER A 24 -7.08 7.38 -0.72
C SER A 24 -5.85 6.92 0.07
N GLN A 25 -6.09 6.17 1.14
CA GLN A 25 -5.01 5.67 1.98
C GLN A 25 -3.96 4.96 1.15
N LEU A 26 -4.41 4.18 0.17
CA LEU A 26 -3.51 3.44 -0.71
C LEU A 26 -2.87 4.37 -1.74
N ILE A 27 -3.66 5.29 -2.28
CA ILE A 27 -3.17 6.24 -3.27
C ILE A 27 -1.96 7.00 -2.75
N ILE A 28 -2.02 7.43 -1.50
CA ILE A 28 -0.92 8.17 -0.88
C ILE A 28 0.29 7.27 -0.66
N HIS A 29 0.02 6.00 -0.34
CA HIS A 29 1.09 5.03 -0.11
C HIS A 29 1.82 4.71 -1.40
N GLU A 30 1.06 4.33 -2.42
CA GLU A 30 1.64 3.99 -3.72
C GLU A 30 2.64 5.05 -4.16
N ARG A 31 2.49 6.25 -3.63
CA ARG A 31 3.37 7.37 -3.97
C ARG A 31 4.82 6.99 -3.71
N ILE A 32 5.05 6.22 -2.65
CA ILE A 32 6.41 5.80 -2.30
C ILE A 32 7.11 5.13 -3.48
N HIS A 33 6.32 4.45 -4.32
CA HIS A 33 6.86 3.77 -5.48
C HIS A 33 6.91 4.71 -6.69
N THR A 34 5.85 5.47 -6.87
CA THR A 34 5.77 6.41 -7.99
C THR A 34 7.06 7.22 -8.13
N GLY A 35 7.60 7.65 -6.99
CA GLY A 35 8.83 8.42 -7.02
C GLY A 35 9.13 9.07 -5.68
N GLU A 36 10.22 8.64 -5.05
CA GLU A 36 10.61 9.19 -3.75
C GLU A 36 11.82 10.11 -3.89
N SER A 37 11.57 11.42 -3.81
CA SER A 37 12.63 12.41 -3.93
C SER A 37 13.69 11.95 -4.91
N GLY A 38 13.25 11.35 -6.02
CA GLY A 38 14.18 10.88 -7.03
C GLY A 38 14.34 9.37 -6.98
N PRO A 39 15.08 8.83 -7.97
CA PRO A 39 15.32 7.39 -8.08
C PRO A 39 16.25 6.87 -6.97
N SER A 40 15.70 6.04 -6.09
CA SER A 40 16.48 5.49 -4.99
C SER A 40 17.93 5.25 -5.40
N SER A 41 18.11 4.57 -6.53
CA SER A 41 19.44 4.27 -7.04
C SER A 41 20.18 5.55 -7.40
N GLY A 42 21.12 5.96 -6.53
CA GLY A 42 21.88 7.16 -6.77
C GLY A 42 22.51 7.71 -5.51
ZN ZN B . 3.17 -0.31 -1.70
N GLY A 1 -7.44 -8.88 22.52
CA GLY A 1 -7.12 -10.27 22.27
C GLY A 1 -7.34 -10.67 20.83
N SER A 2 -7.45 -11.98 20.58
CA SER A 2 -7.64 -12.49 19.24
C SER A 2 -9.10 -12.88 19.01
N SER A 3 -9.93 -11.88 18.70
CA SER A 3 -11.35 -12.12 18.47
C SER A 3 -11.73 -11.77 17.04
N GLY A 4 -10.88 -12.15 16.09
CA GLY A 4 -11.14 -11.86 14.70
C GLY A 4 -10.71 -10.47 14.29
N SER A 5 -9.47 -10.11 14.65
CA SER A 5 -8.95 -8.79 14.33
C SER A 5 -8.42 -8.74 12.90
N SER A 6 -9.23 -9.26 11.96
CA SER A 6 -8.84 -9.28 10.55
C SER A 6 -9.62 -8.23 9.76
N GLY A 7 -9.19 -6.98 9.88
CA GLY A 7 -9.86 -5.90 9.16
C GLY A 7 -9.96 -6.16 7.67
N GLN A 8 -10.93 -5.54 7.02
CA GLN A 8 -11.13 -5.71 5.58
C GLN A 8 -10.47 -4.58 4.81
N LYS A 9 -9.52 -4.93 3.94
CA LYS A 9 -8.82 -3.95 3.14
C LYS A 9 -8.74 -4.38 1.68
N PRO A 10 -9.69 -3.90 0.86
CA PRO A 10 -9.75 -4.24 -0.57
C PRO A 10 -8.61 -3.60 -1.35
N TYR A 11 -8.27 -2.37 -1.00
CA TYR A 11 -7.19 -1.64 -1.68
C TYR A 11 -5.83 -2.21 -1.28
N VAL A 12 -5.30 -3.09 -2.12
CA VAL A 12 -3.99 -3.70 -1.85
C VAL A 12 -2.93 -3.14 -2.80
N CYS A 13 -1.76 -2.83 -2.24
CA CYS A 13 -0.66 -2.29 -3.03
C CYS A 13 0.01 -3.39 -3.86
N ASN A 14 0.10 -3.16 -5.16
CA ASN A 14 0.71 -4.14 -6.06
C ASN A 14 2.23 -3.99 -6.08
N GLU A 15 2.72 -3.02 -5.30
CA GLU A 15 4.16 -2.77 -5.22
C GLU A 15 4.78 -3.54 -4.06
N CYS A 16 4.15 -3.45 -2.89
CA CYS A 16 4.65 -4.14 -1.71
C CYS A 16 3.64 -5.16 -1.22
N GLY A 17 2.36 -4.81 -1.30
CA GLY A 17 1.31 -5.71 -0.85
C GLY A 17 0.57 -5.19 0.36
N LYS A 18 0.71 -3.89 0.62
CA LYS A 18 0.04 -3.27 1.76
C LYS A 18 -1.42 -2.98 1.45
N ALA A 19 -2.31 -3.42 2.34
CA ALA A 19 -3.74 -3.20 2.16
C ALA A 19 -4.22 -1.99 2.96
N PHE A 20 -5.16 -1.26 2.38
CA PHE A 20 -5.70 -0.07 3.04
C PHE A 20 -7.23 -0.07 2.99
N GLY A 21 -7.86 -0.19 4.16
CA GLY A 21 -9.31 -0.20 4.22
C GLY A 21 -9.92 0.92 3.41
N LEU A 22 -9.13 1.94 3.11
CA LEU A 22 -9.62 3.08 2.34
C LEU A 22 -8.86 3.21 1.03
N LYS A 23 -9.48 3.87 0.05
CA LYS A 23 -8.86 4.07 -1.25
C LYS A 23 -7.73 5.08 -1.17
N SER A 24 -8.07 6.32 -0.83
CA SER A 24 -7.07 7.39 -0.72
C SER A 24 -5.87 6.92 0.09
N GLN A 25 -6.13 6.20 1.18
CA GLN A 25 -5.07 5.70 2.04
C GLN A 25 -3.99 5.01 1.22
N LEU A 26 -4.41 4.24 0.21
CA LEU A 26 -3.48 3.52 -0.65
C LEU A 26 -2.82 4.47 -1.65
N ILE A 27 -3.64 5.32 -2.27
CA ILE A 27 -3.14 6.27 -3.25
C ILE A 27 -1.94 7.04 -2.70
N ILE A 28 -2.04 7.48 -1.46
CA ILE A 28 -0.97 8.23 -0.82
C ILE A 28 0.24 7.34 -0.57
N HIS A 29 -0.01 6.07 -0.29
CA HIS A 29 1.07 5.11 -0.03
C HIS A 29 1.84 4.81 -1.31
N GLU A 30 1.11 4.47 -2.37
CA GLU A 30 1.72 4.16 -3.65
C GLU A 30 2.72 5.23 -4.06
N ARG A 31 2.59 6.40 -3.44
CA ARG A 31 3.48 7.52 -3.75
C ARG A 31 4.94 7.13 -3.53
N ILE A 32 5.17 6.19 -2.64
CA ILE A 32 6.52 5.72 -2.34
C ILE A 32 7.13 5.01 -3.53
N HIS A 33 6.28 4.36 -4.33
CA HIS A 33 6.74 3.64 -5.51
C HIS A 33 6.67 4.53 -6.75
N THR A 34 5.60 5.32 -6.84
CA THR A 34 5.41 6.21 -7.98
C THR A 34 6.70 6.97 -8.30
N GLY A 35 7.39 7.43 -7.26
CA GLY A 35 8.62 8.16 -7.45
C GLY A 35 9.63 7.89 -6.35
N GLU A 36 9.41 8.50 -5.19
CA GLU A 36 10.31 8.33 -4.06
C GLU A 36 9.52 8.16 -2.76
N SER A 37 10.23 7.81 -1.68
CA SER A 37 9.60 7.61 -0.39
C SER A 37 9.04 8.93 0.15
N GLY A 38 9.85 9.97 0.09
CA GLY A 38 9.44 11.27 0.58
C GLY A 38 10.20 12.42 -0.07
N PRO A 39 10.01 13.63 0.46
CA PRO A 39 10.68 14.83 -0.05
C PRO A 39 12.17 14.83 0.24
N SER A 40 12.53 14.46 1.46
CA SER A 40 13.93 14.41 1.87
C SER A 40 14.66 15.67 1.41
N SER A 41 14.01 16.82 1.54
CA SER A 41 14.60 18.09 1.14
C SER A 41 14.62 19.07 2.31
N GLY A 42 14.97 18.57 3.49
CA GLY A 42 15.03 19.42 4.67
C GLY A 42 14.09 18.95 5.77
ZN ZN B . 3.24 -0.23 -1.48
N GLY A 1 -0.82 -18.15 20.66
CA GLY A 1 -0.31 -18.61 19.38
C GLY A 1 -0.66 -17.69 18.24
N SER A 2 -1.91 -17.75 17.78
CA SER A 2 -2.36 -16.91 16.67
C SER A 2 -3.69 -16.24 17.02
N SER A 3 -3.62 -15.15 17.76
CA SER A 3 -4.82 -14.41 18.16
C SER A 3 -4.96 -13.12 17.36
N GLY A 4 -6.12 -12.46 17.50
CA GLY A 4 -6.35 -11.22 16.79
C GLY A 4 -7.12 -11.43 15.50
N SER A 5 -7.62 -10.34 14.93
CA SER A 5 -8.38 -10.41 13.69
C SER A 5 -7.92 -9.35 12.70
N SER A 6 -8.03 -9.66 11.41
CA SER A 6 -7.62 -8.74 10.36
C SER A 6 -8.82 -8.06 9.72
N GLY A 7 -8.81 -6.73 9.71
CA GLY A 7 -9.91 -5.98 9.12
C GLY A 7 -10.03 -6.20 7.62
N GLN A 8 -11.08 -5.66 7.04
CA GLN A 8 -11.31 -5.80 5.61
C GLN A 8 -10.64 -4.66 4.83
N LYS A 9 -9.67 -5.01 4.00
CA LYS A 9 -8.96 -4.01 3.20
C LYS A 9 -8.90 -4.43 1.74
N PRO A 10 -9.84 -3.91 0.93
CA PRO A 10 -9.89 -4.23 -0.50
C PRO A 10 -8.75 -3.60 -1.29
N TYR A 11 -8.41 -2.37 -0.93
CA TYR A 11 -7.32 -1.66 -1.61
C TYR A 11 -5.96 -2.25 -1.23
N VAL A 12 -5.41 -3.09 -2.10
CA VAL A 12 -4.12 -3.70 -1.86
C VAL A 12 -3.06 -3.20 -2.84
N CYS A 13 -1.96 -2.70 -2.30
CA CYS A 13 -0.88 -2.18 -3.12
C CYS A 13 -0.32 -3.26 -4.05
N ASN A 14 -0.07 -2.89 -5.30
CA ASN A 14 0.46 -3.82 -6.28
C ASN A 14 1.98 -3.72 -6.37
N GLU A 15 2.58 -3.04 -5.39
CA GLU A 15 4.02 -2.87 -5.37
C GLU A 15 4.65 -3.64 -4.20
N CYS A 16 4.05 -3.49 -3.02
CA CYS A 16 4.55 -4.18 -1.83
C CYS A 16 3.51 -5.17 -1.31
N GLY A 17 2.24 -4.83 -1.46
CA GLY A 17 1.17 -5.70 -1.01
C GLY A 17 0.50 -5.17 0.25
N LYS A 18 0.59 -3.87 0.47
CA LYS A 18 -0.01 -3.24 1.65
C LYS A 18 -1.49 -2.97 1.41
N ALA A 19 -2.34 -3.46 2.30
CA ALA A 19 -3.78 -3.26 2.20
C ALA A 19 -4.22 -2.04 2.99
N PHE A 20 -5.18 -1.31 2.45
CA PHE A 20 -5.70 -0.11 3.10
C PHE A 20 -7.23 -0.08 3.08
N GLY A 21 -7.83 -0.17 4.26
CA GLY A 21 -9.28 -0.16 4.36
C GLY A 21 -9.91 0.96 3.54
N LEU A 22 -9.11 1.98 3.23
CA LEU A 22 -9.60 3.11 2.45
C LEU A 22 -8.85 3.22 1.13
N LYS A 23 -9.47 3.89 0.16
CA LYS A 23 -8.87 4.08 -1.16
C LYS A 23 -7.72 5.08 -1.09
N SER A 24 -8.06 6.32 -0.77
CA SER A 24 -7.05 7.38 -0.68
C SER A 24 -5.83 6.91 0.12
N GLN A 25 -6.09 6.20 1.21
CA GLN A 25 -5.03 5.69 2.06
C GLN A 25 -3.96 4.98 1.23
N LEU A 26 -4.41 4.23 0.23
CA LEU A 26 -3.49 3.50 -0.63
C LEU A 26 -2.86 4.42 -1.67
N ILE A 27 -3.68 5.28 -2.27
CA ILE A 27 -3.20 6.21 -3.28
C ILE A 27 -2.00 7.00 -2.76
N ILE A 28 -2.08 7.44 -1.51
CA ILE A 28 -0.99 8.21 -0.90
C ILE A 28 0.23 7.33 -0.65
N HIS A 29 -0.02 6.05 -0.36
CA HIS A 29 1.05 5.11 -0.10
C HIS A 29 1.80 4.76 -1.38
N GLU A 30 1.06 4.39 -2.41
CA GLU A 30 1.65 4.04 -3.70
C GLU A 30 2.62 5.13 -4.16
N ARG A 31 2.50 6.31 -3.58
CA ARG A 31 3.36 7.43 -3.94
C ARG A 31 4.83 7.09 -3.67
N ILE A 32 5.06 6.24 -2.68
CA ILE A 32 6.42 5.84 -2.33
C ILE A 32 7.10 5.11 -3.49
N HIS A 33 6.28 4.47 -4.33
CA HIS A 33 6.81 3.74 -5.48
C HIS A 33 6.91 4.64 -6.70
N THR A 34 5.89 5.47 -6.92
CA THR A 34 5.87 6.38 -8.04
C THR A 34 7.24 7.03 -8.25
N GLY A 35 7.89 7.36 -7.15
CA GLY A 35 9.20 7.99 -7.23
C GLY A 35 10.33 6.99 -7.12
N GLU A 36 10.14 5.98 -6.27
CA GLU A 36 11.16 4.95 -6.07
C GLU A 36 11.90 4.65 -7.37
N SER A 37 11.13 4.43 -8.44
CA SER A 37 11.70 4.13 -9.75
C SER A 37 12.98 4.94 -9.98
N GLY A 38 14.01 4.28 -10.48
CA GLY A 38 15.28 4.95 -10.73
C GLY A 38 15.17 5.99 -11.83
N PRO A 39 16.08 6.97 -11.82
CA PRO A 39 16.10 8.05 -12.81
C PRO A 39 16.50 7.55 -14.19
N SER A 40 15.52 7.26 -15.03
CA SER A 40 15.78 6.78 -16.38
C SER A 40 14.48 6.63 -17.16
N SER A 41 14.60 6.38 -18.46
CA SER A 41 13.43 6.23 -19.33
C SER A 41 12.40 5.32 -18.68
N GLY A 42 12.83 4.12 -18.29
CA GLY A 42 11.92 3.17 -17.66
C GLY A 42 10.56 3.14 -18.33
ZN ZN B . 3.12 -0.26 -1.59
N GLY A 1 2.89 -9.16 14.56
CA GLY A 1 1.65 -9.92 14.54
C GLY A 1 0.48 -9.12 15.08
N SER A 2 -0.62 -9.11 14.34
CA SER A 2 -1.82 -8.37 14.75
C SER A 2 -2.74 -9.26 15.59
N SER A 3 -2.98 -10.46 15.10
CA SER A 3 -3.86 -11.40 15.80
C SER A 3 -5.31 -10.93 15.77
N GLY A 4 -5.73 -10.45 14.60
CA GLY A 4 -7.10 -9.98 14.45
C GLY A 4 -7.21 -8.83 13.47
N SER A 5 -8.43 -8.50 13.08
CA SER A 5 -8.67 -7.42 12.12
C SER A 5 -10.16 -7.11 12.02
N SER A 6 -10.50 -5.83 12.10
CA SER A 6 -11.89 -5.39 12.03
C SER A 6 -12.09 -4.40 10.88
N GLY A 7 -12.11 -4.92 9.65
CA GLY A 7 -12.29 -4.07 8.49
C GLY A 7 -11.51 -4.56 7.29
N GLN A 8 -12.18 -5.32 6.43
CA GLN A 8 -11.55 -5.86 5.22
C GLN A 8 -10.93 -4.75 4.40
N LYS A 9 -9.68 -4.94 4.00
CA LYS A 9 -8.96 -3.96 3.21
C LYS A 9 -8.88 -4.39 1.74
N PRO A 10 -9.84 -3.90 0.93
CA PRO A 10 -9.91 -4.23 -0.50
C PRO A 10 -8.77 -3.59 -1.29
N TYR A 11 -8.42 -2.36 -0.93
CA TYR A 11 -7.36 -1.63 -1.61
C TYR A 11 -5.98 -2.19 -1.22
N VAL A 12 -5.42 -3.01 -2.10
CA VAL A 12 -4.12 -3.61 -1.84
C VAL A 12 -3.07 -3.07 -2.81
N CYS A 13 -1.88 -2.79 -2.30
CA CYS A 13 -0.79 -2.27 -3.12
C CYS A 13 -0.18 -3.38 -3.98
N ASN A 14 0.04 -3.07 -5.26
CA ASN A 14 0.61 -4.03 -6.19
C ASN A 14 2.12 -3.91 -6.23
N GLU A 15 2.66 -2.96 -5.46
CA GLU A 15 4.10 -2.75 -5.41
C GLU A 15 4.73 -3.56 -4.27
N CYS A 16 4.13 -3.48 -3.09
CA CYS A 16 4.62 -4.20 -1.93
C CYS A 16 3.59 -5.20 -1.43
N GLY A 17 2.32 -4.81 -1.46
CA GLY A 17 1.25 -5.68 -1.01
C GLY A 17 0.56 -5.15 0.23
N LYS A 18 0.69 -3.85 0.47
CA LYS A 18 0.08 -3.22 1.63
C LYS A 18 -1.40 -2.95 1.38
N ALA A 19 -2.25 -3.38 2.30
CA ALA A 19 -3.69 -3.18 2.18
C ALA A 19 -4.14 -1.94 2.94
N PHE A 20 -5.18 -1.29 2.44
CA PHE A 20 -5.70 -0.09 3.07
C PHE A 20 -7.23 -0.07 3.03
N GLY A 21 -7.85 -0.20 4.20
CA GLY A 21 -9.31 -0.20 4.27
C GLY A 21 -9.93 0.91 3.45
N LEU A 22 -9.14 1.95 3.17
CA LEU A 22 -9.62 3.09 2.39
C LEU A 22 -8.88 3.20 1.07
N LYS A 23 -9.48 3.87 0.10
CA LYS A 23 -8.87 4.05 -1.22
C LYS A 23 -7.72 5.05 -1.15
N SER A 24 -8.06 6.30 -0.86
CA SER A 24 -7.06 7.37 -0.77
C SER A 24 -5.87 6.91 0.06
N GLN A 25 -6.13 6.18 1.14
CA GLN A 25 -5.08 5.68 2.01
C GLN A 25 -4.00 4.96 1.21
N LEU A 26 -4.42 4.18 0.22
CA LEU A 26 -3.49 3.44 -0.62
C LEU A 26 -2.86 4.35 -1.67
N ILE A 27 -3.65 5.29 -2.18
CA ILE A 27 -3.18 6.23 -3.19
C ILE A 27 -1.97 7.02 -2.67
N ILE A 28 -2.03 7.42 -1.42
CA ILE A 28 -0.94 8.18 -0.81
C ILE A 28 0.28 7.29 -0.57
N HIS A 29 0.03 6.02 -0.29
CA HIS A 29 1.11 5.07 -0.04
C HIS A 29 1.84 4.72 -1.34
N GLU A 30 1.08 4.36 -2.36
CA GLU A 30 1.65 4.00 -3.65
C GLU A 30 2.62 5.08 -4.13
N ARG A 31 2.50 6.27 -3.55
CA ARG A 31 3.36 7.39 -3.92
C ARG A 31 4.83 7.05 -3.67
N ILE A 32 5.07 6.21 -2.66
CA ILE A 32 6.43 5.81 -2.32
C ILE A 32 7.12 5.13 -3.50
N HIS A 33 6.32 4.46 -4.33
CA HIS A 33 6.86 3.76 -5.50
C HIS A 33 6.89 4.69 -6.70
N THR A 34 5.79 5.41 -6.93
CA THR A 34 5.70 6.32 -8.07
C THR A 34 7.02 7.05 -8.29
N GLY A 35 7.78 7.23 -7.21
CA GLY A 35 9.05 7.92 -7.32
C GLY A 35 10.19 6.98 -7.64
N GLU A 36 10.92 6.54 -6.61
CA GLU A 36 12.04 5.63 -6.79
C GLU A 36 11.56 4.25 -7.23
N SER A 37 12.36 3.58 -8.05
CA SER A 37 12.01 2.25 -8.54
C SER A 37 12.94 1.20 -7.94
N GLY A 38 14.25 1.39 -8.12
CA GLY A 38 15.21 0.45 -7.60
C GLY A 38 15.43 -0.73 -8.53
N PRO A 39 16.08 -1.78 -8.01
CA PRO A 39 16.37 -2.99 -8.79
C PRO A 39 15.11 -3.80 -9.10
N SER A 40 15.30 -4.98 -9.68
CA SER A 40 14.19 -5.85 -10.02
C SER A 40 13.19 -5.12 -10.93
N SER A 41 13.73 -4.42 -11.93
CA SER A 41 12.90 -3.67 -12.86
C SER A 41 13.29 -3.98 -14.30
N GLY A 42 12.80 -5.11 -14.82
CA GLY A 42 13.10 -5.50 -16.18
C GLY A 42 12.81 -6.97 -16.44
ZN ZN B . 3.22 -0.31 -1.66
N GLY A 1 3.62 -8.55 18.82
CA GLY A 1 2.89 -8.53 17.58
C GLY A 1 1.87 -9.65 17.48
N SER A 2 0.64 -9.36 17.90
CA SER A 2 -0.43 -10.35 17.87
C SER A 2 -0.95 -10.53 16.45
N SER A 3 -1.26 -11.78 16.10
CA SER A 3 -1.77 -12.09 14.77
C SER A 3 -3.30 -12.05 14.75
N GLY A 4 -3.85 -11.54 13.66
CA GLY A 4 -5.30 -11.44 13.53
C GLY A 4 -5.73 -10.27 12.67
N SER A 5 -6.56 -10.57 11.67
CA SER A 5 -7.05 -9.52 10.76
C SER A 5 -7.61 -8.35 11.54
N SER A 6 -7.42 -7.15 11.00
CA SER A 6 -7.91 -5.93 11.65
C SER A 6 -8.84 -5.15 10.70
N GLY A 7 -9.72 -5.88 10.03
CA GLY A 7 -10.65 -5.25 9.11
C GLY A 7 -10.47 -5.72 7.68
N GLN A 8 -11.43 -5.38 6.82
CA GLN A 8 -11.37 -5.79 5.42
C GLN A 8 -10.75 -4.69 4.56
N LYS A 9 -9.51 -4.89 4.15
CA LYS A 9 -8.81 -3.93 3.31
C LYS A 9 -8.77 -4.37 1.86
N PRO A 10 -9.73 -3.88 1.07
CA PRO A 10 -9.83 -4.22 -0.37
C PRO A 10 -8.71 -3.59 -1.18
N TYR A 11 -8.38 -2.35 -0.87
CA TYR A 11 -7.32 -1.64 -1.58
C TYR A 11 -5.95 -2.20 -1.22
N VAL A 12 -5.44 -3.09 -2.07
CA VAL A 12 -4.14 -3.70 -1.84
C VAL A 12 -3.09 -3.16 -2.82
N CYS A 13 -1.93 -2.82 -2.29
CA CYS A 13 -0.85 -2.29 -3.11
C CYS A 13 -0.23 -3.39 -3.97
N ASN A 14 0.00 -3.07 -5.25
CA ASN A 14 0.58 -4.03 -6.18
C ASN A 14 2.10 -3.90 -6.22
N GLU A 15 2.62 -2.95 -5.45
CA GLU A 15 4.06 -2.71 -5.40
C GLU A 15 4.70 -3.49 -4.26
N CYS A 16 4.07 -3.45 -3.09
CA CYS A 16 4.57 -4.16 -1.92
C CYS A 16 3.56 -5.17 -1.42
N GLY A 17 2.28 -4.80 -1.47
CA GLY A 17 1.23 -5.70 -1.01
C GLY A 17 0.54 -5.19 0.24
N LYS A 18 0.63 -3.88 0.47
CA LYS A 18 0.00 -3.28 1.64
C LYS A 18 -1.47 -2.99 1.38
N ALA A 19 -2.32 -3.43 2.29
CA ALA A 19 -3.76 -3.22 2.16
C ALA A 19 -4.20 -2.00 2.97
N PHE A 20 -5.18 -1.28 2.42
CA PHE A 20 -5.69 -0.08 3.08
C PHE A 20 -7.22 -0.06 3.06
N GLY A 21 -7.83 -0.17 4.23
CA GLY A 21 -9.28 -0.16 4.32
C GLY A 21 -9.90 0.96 3.51
N LEU A 22 -9.11 1.99 3.21
CA LEU A 22 -9.59 3.12 2.43
C LEU A 22 -8.85 3.22 1.09
N LYS A 23 -9.47 3.90 0.13
CA LYS A 23 -8.87 4.07 -1.18
C LYS A 23 -7.72 5.08 -1.12
N SER A 24 -8.05 6.32 -0.82
CA SER A 24 -7.04 7.38 -0.73
C SER A 24 -5.82 6.90 0.06
N GLN A 25 -6.08 6.19 1.15
CA GLN A 25 -5.00 5.67 1.99
C GLN A 25 -3.94 4.96 1.15
N LEU A 26 -4.39 4.18 0.17
CA LEU A 26 -3.49 3.45 -0.70
C LEU A 26 -2.85 4.37 -1.73
N ILE A 27 -3.65 5.29 -2.26
CA ILE A 27 -3.16 6.24 -3.25
C ILE A 27 -1.96 7.02 -2.72
N ILE A 28 -2.04 7.45 -1.46
CA ILE A 28 -0.97 8.20 -0.84
C ILE A 28 0.25 7.31 -0.58
N HIS A 29 0.00 6.04 -0.31
CA HIS A 29 1.07 5.08 -0.05
C HIS A 29 1.83 4.75 -1.35
N GLU A 30 1.09 4.33 -2.36
CA GLU A 30 1.68 3.98 -3.65
C GLU A 30 2.66 5.06 -4.11
N ARG A 31 2.52 6.26 -3.55
CA ARG A 31 3.38 7.38 -3.90
C ARG A 31 4.85 7.03 -3.68
N ILE A 32 5.11 6.25 -2.63
CA ILE A 32 6.48 5.84 -2.30
C ILE A 32 7.13 5.15 -3.48
N HIS A 33 6.31 4.48 -4.30
CA HIS A 33 6.82 3.77 -5.48
C HIS A 33 6.85 4.69 -6.70
N THR A 34 5.77 5.42 -6.90
CA THR A 34 5.66 6.33 -8.03
C THR A 34 6.97 7.09 -8.24
N GLY A 35 7.59 7.52 -7.14
CA GLY A 35 8.83 8.26 -7.22
C GLY A 35 9.77 7.93 -6.08
N GLU A 36 10.96 7.44 -6.42
CA GLU A 36 11.96 7.09 -5.40
C GLU A 36 12.61 8.34 -4.82
N SER A 37 12.65 8.41 -3.50
CA SER A 37 13.24 9.55 -2.81
C SER A 37 14.16 9.10 -1.68
N GLY A 38 14.93 10.04 -1.13
CA GLY A 38 15.84 9.71 -0.05
C GLY A 38 17.19 9.23 -0.55
N PRO A 39 18.25 9.56 0.18
CA PRO A 39 19.62 9.17 -0.17
C PRO A 39 19.86 7.67 -0.01
N SER A 40 19.49 7.14 1.15
CA SER A 40 19.66 5.72 1.43
C SER A 40 18.33 4.99 1.37
N SER A 41 18.38 3.67 1.50
CA SER A 41 17.18 2.84 1.45
C SER A 41 16.91 2.20 2.80
N GLY A 42 17.92 1.50 3.33
CA GLY A 42 17.77 0.84 4.61
C GLY A 42 17.30 -0.60 4.47
ZN ZN B . 3.12 -0.27 -1.63
N GLY A 1 1.26 -14.51 7.83
CA GLY A 1 2.42 -13.81 8.34
C GLY A 1 2.11 -13.04 9.61
N SER A 2 3.11 -12.33 10.13
CA SER A 2 2.93 -11.56 11.35
C SER A 2 2.27 -10.22 11.04
N SER A 3 0.93 -10.22 11.02
CA SER A 3 0.17 -9.01 10.74
C SER A 3 -1.29 -9.18 11.14
N GLY A 4 -2.04 -8.09 11.13
CA GLY A 4 -3.45 -8.14 11.49
C GLY A 4 -4.30 -7.28 10.59
N SER A 5 -5.62 -7.33 10.80
CA SER A 5 -6.55 -6.55 9.99
C SER A 5 -7.81 -6.23 10.78
N SER A 6 -7.95 -4.96 11.16
CA SER A 6 -9.11 -4.52 11.93
C SER A 6 -10.41 -4.94 11.24
N GLY A 7 -10.50 -4.69 9.94
CA GLY A 7 -11.69 -5.05 9.20
C GLY A 7 -11.36 -5.61 7.83
N GLN A 8 -11.91 -4.99 6.79
CA GLN A 8 -11.68 -5.44 5.42
C GLN A 8 -10.93 -4.37 4.61
N LYS A 9 -9.81 -4.78 4.02
CA LYS A 9 -9.00 -3.86 3.23
C LYS A 9 -8.95 -4.30 1.77
N PRO A 10 -9.90 -3.81 0.96
CA PRO A 10 -9.97 -4.15 -0.47
C PRO A 10 -8.83 -3.54 -1.27
N TYR A 11 -8.46 -2.31 -0.91
CA TYR A 11 -7.38 -1.61 -1.59
C TYR A 11 -6.02 -2.19 -1.21
N VAL A 12 -5.48 -3.03 -2.08
CA VAL A 12 -4.18 -3.65 -1.83
C VAL A 12 -3.13 -3.14 -2.82
N CYS A 13 -1.97 -2.76 -2.30
CA CYS A 13 -0.88 -2.26 -3.12
C CYS A 13 -0.31 -3.36 -4.00
N ASN A 14 0.06 -3.00 -5.23
CA ASN A 14 0.62 -3.97 -6.17
C ASN A 14 2.15 -3.88 -6.19
N GLU A 15 2.68 -2.90 -5.48
CA GLU A 15 4.13 -2.70 -5.41
C GLU A 15 4.74 -3.52 -4.28
N CYS A 16 4.11 -3.45 -3.11
CA CYS A 16 4.59 -4.18 -1.95
C CYS A 16 3.55 -5.18 -1.46
N GLY A 17 2.28 -4.79 -1.52
CA GLY A 17 1.21 -5.66 -1.08
C GLY A 17 0.53 -5.15 0.18
N LYS A 18 0.65 -3.85 0.43
CA LYS A 18 0.04 -3.24 1.61
C LYS A 18 -1.44 -2.97 1.38
N ALA A 19 -2.27 -3.45 2.29
CA ALA A 19 -3.72 -3.26 2.18
C ALA A 19 -4.16 -2.03 2.97
N PHE A 20 -5.19 -1.35 2.47
CA PHE A 20 -5.70 -0.16 3.13
C PHE A 20 -7.23 -0.16 3.13
N GLY A 21 -7.82 -0.12 4.32
CA GLY A 21 -9.26 -0.13 4.44
C GLY A 21 -9.90 0.99 3.63
N LEU A 22 -9.10 1.96 3.22
CA LEU A 22 -9.60 3.09 2.43
C LEU A 22 -8.88 3.19 1.10
N LYS A 23 -9.47 3.91 0.16
CA LYS A 23 -8.87 4.09 -1.16
C LYS A 23 -7.72 5.10 -1.11
N SER A 24 -8.06 6.35 -0.84
CA SER A 24 -7.05 7.40 -0.77
C SER A 24 -5.85 6.95 0.05
N GLN A 25 -6.11 6.19 1.11
CA GLN A 25 -5.05 5.69 1.98
C GLN A 25 -3.96 5.00 1.17
N LEU A 26 -4.38 4.15 0.23
CA LEU A 26 -3.45 3.42 -0.62
C LEU A 26 -2.82 4.34 -1.66
N ILE A 27 -3.64 5.22 -2.23
CA ILE A 27 -3.17 6.16 -3.24
C ILE A 27 -1.98 6.96 -2.74
N ILE A 28 -2.07 7.41 -1.49
CA ILE A 28 -1.00 8.19 -0.88
C ILE A 28 0.22 7.32 -0.61
N HIS A 29 -0.02 6.04 -0.35
CA HIS A 29 1.06 5.10 -0.07
C HIS A 29 1.83 4.76 -1.35
N GLU A 30 1.09 4.37 -2.38
CA GLU A 30 1.71 4.01 -3.66
C GLU A 30 2.67 5.10 -4.12
N ARG A 31 2.52 6.29 -3.54
CA ARG A 31 3.39 7.42 -3.89
C ARG A 31 4.86 7.10 -3.63
N ILE A 32 5.09 6.22 -2.66
CA ILE A 32 6.45 5.82 -2.30
C ILE A 32 7.15 5.15 -3.48
N HIS A 33 6.35 4.49 -4.33
CA HIS A 33 6.90 3.80 -5.49
C HIS A 33 6.94 4.72 -6.71
N THR A 34 5.84 5.44 -6.93
CA THR A 34 5.74 6.35 -8.07
C THR A 34 7.06 7.08 -8.29
N GLY A 35 7.75 7.41 -7.20
CA GLY A 35 9.02 8.11 -7.31
C GLY A 35 10.16 7.33 -6.68
N GLU A 36 10.42 7.59 -5.41
CA GLU A 36 11.50 6.90 -4.70
C GLU A 36 11.36 7.08 -3.20
N SER A 37 11.78 6.07 -2.44
CA SER A 37 11.70 6.12 -0.99
C SER A 37 13.05 6.46 -0.37
N GLY A 38 13.05 6.80 0.91
CA GLY A 38 14.29 7.14 1.59
C GLY A 38 14.47 6.36 2.88
N PRO A 39 15.73 5.99 3.17
CA PRO A 39 16.07 5.23 4.38
C PRO A 39 15.90 6.06 5.65
N SER A 40 14.76 5.90 6.31
CA SER A 40 14.48 6.63 7.54
C SER A 40 14.91 5.83 8.76
N SER A 41 14.48 4.59 8.83
CA SER A 41 14.82 3.72 9.95
C SER A 41 15.31 2.36 9.46
N GLY A 42 14.61 1.79 8.48
CA GLY A 42 15.00 0.51 7.94
C GLY A 42 14.14 -0.63 8.46
ZN ZN B . 3.18 -0.31 -1.72
N GLY A 1 -7.56 -11.83 21.36
CA GLY A 1 -8.44 -11.04 20.51
C GLY A 1 -7.80 -10.66 19.20
N SER A 2 -8.46 -11.01 18.09
CA SER A 2 -7.95 -10.71 16.77
C SER A 2 -7.21 -9.37 16.76
N SER A 3 -6.14 -9.29 15.96
CA SER A 3 -5.35 -8.06 15.87
C SER A 3 -4.65 -7.98 14.52
N GLY A 4 -4.78 -6.83 13.85
CA GLY A 4 -4.15 -6.64 12.57
C GLY A 4 -5.14 -6.71 11.42
N SER A 5 -5.58 -7.92 11.09
CA SER A 5 -6.54 -8.12 10.00
C SER A 5 -7.97 -7.99 10.51
N SER A 6 -8.20 -7.00 11.37
CA SER A 6 -9.53 -6.77 11.92
C SER A 6 -10.40 -5.97 10.95
N GLY A 7 -11.04 -6.67 10.02
CA GLY A 7 -11.88 -6.01 9.05
C GLY A 7 -11.64 -6.49 7.64
N GLN A 8 -11.52 -5.55 6.71
CA GLN A 8 -11.28 -5.89 5.30
C GLN A 8 -10.59 -4.75 4.58
N LYS A 9 -9.58 -5.08 3.78
CA LYS A 9 -8.83 -4.08 3.03
C LYS A 9 -8.72 -4.48 1.55
N PRO A 10 -9.72 -4.07 0.76
CA PRO A 10 -9.76 -4.36 -0.68
C PRO A 10 -8.69 -3.60 -1.45
N TYR A 11 -8.34 -2.42 -0.97
CA TYR A 11 -7.32 -1.59 -1.62
C TYR A 11 -5.92 -2.08 -1.27
N VAL A 12 -5.39 -2.99 -2.07
CA VAL A 12 -4.06 -3.53 -1.84
C VAL A 12 -3.05 -2.92 -2.81
N CYS A 13 -1.84 -2.68 -2.31
CA CYS A 13 -0.78 -2.10 -3.14
C CYS A 13 -0.20 -3.13 -4.09
N ASN A 14 0.00 -2.73 -5.34
CA ASN A 14 0.55 -3.62 -6.36
C ASN A 14 2.06 -3.46 -6.46
N GLU A 15 2.65 -2.83 -5.45
CA GLU A 15 4.10 -2.62 -5.42
C GLU A 15 4.74 -3.41 -4.28
N CYS A 16 4.12 -3.36 -3.11
CA CYS A 16 4.63 -4.07 -1.94
C CYS A 16 3.61 -5.09 -1.43
N GLY A 17 2.34 -4.73 -1.52
CA GLY A 17 1.28 -5.62 -1.07
C GLY A 17 0.61 -5.12 0.20
N LYS A 18 0.63 -3.81 0.40
CA LYS A 18 0.01 -3.20 1.58
C LYS A 18 -1.47 -2.93 1.33
N ALA A 19 -2.30 -3.34 2.28
CA ALA A 19 -3.74 -3.14 2.17
C ALA A 19 -4.17 -1.88 2.92
N PHE A 20 -5.22 -1.24 2.43
CA PHE A 20 -5.73 -0.03 3.05
C PHE A 20 -7.26 0.03 2.97
N GLY A 21 -7.91 -0.23 4.10
CA GLY A 21 -9.36 -0.21 4.14
C GLY A 21 -9.95 0.92 3.32
N LEU A 22 -9.15 1.97 3.11
CA LEU A 22 -9.60 3.13 2.34
C LEU A 22 -8.78 3.28 1.06
N LYS A 23 -9.42 3.80 0.02
CA LYS A 23 -8.74 4.00 -1.27
C LYS A 23 -7.62 5.03 -1.13
N SER A 24 -7.99 6.26 -0.80
CA SER A 24 -7.01 7.34 -0.65
C SER A 24 -5.80 6.86 0.14
N GLN A 25 -6.07 6.14 1.23
CA GLN A 25 -5.01 5.63 2.08
C GLN A 25 -3.95 4.89 1.25
N LEU A 26 -4.41 4.20 0.23
CA LEU A 26 -3.50 3.45 -0.65
C LEU A 26 -2.87 4.36 -1.69
N ILE A 27 -3.67 5.26 -2.26
CA ILE A 27 -3.18 6.19 -3.26
C ILE A 27 -1.98 6.98 -2.74
N ILE A 28 -2.07 7.41 -1.49
CA ILE A 28 -0.99 8.18 -0.87
C ILE A 28 0.23 7.30 -0.60
N HIS A 29 -0.03 6.03 -0.31
CA HIS A 29 1.04 5.08 -0.03
C HIS A 29 1.80 4.72 -1.31
N GLU A 30 1.07 4.31 -2.33
CA GLU A 30 1.67 3.95 -3.61
C GLU A 30 2.63 5.02 -4.09
N ARG A 31 2.49 6.22 -3.53
CA ARG A 31 3.35 7.34 -3.90
C ARG A 31 4.82 7.01 -3.64
N ILE A 32 5.06 6.20 -2.63
CA ILE A 32 6.43 5.80 -2.27
C ILE A 32 7.11 5.10 -3.44
N HIS A 33 6.31 4.49 -4.31
CA HIS A 33 6.85 3.78 -5.47
C HIS A 33 6.85 4.69 -6.70
N THR A 34 5.74 5.38 -6.92
CA THR A 34 5.61 6.28 -8.07
C THR A 34 6.91 7.03 -8.32
N GLY A 35 7.54 7.51 -7.25
CA GLY A 35 8.78 8.24 -7.39
C GLY A 35 9.67 8.09 -6.17
N GLU A 36 9.68 9.11 -5.32
CA GLU A 36 10.49 9.09 -4.11
C GLU A 36 10.50 7.70 -3.47
N SER A 37 11.59 6.98 -3.63
CA SER A 37 11.72 5.64 -3.09
C SER A 37 12.06 5.69 -1.59
N GLY A 38 12.15 4.52 -0.97
CA GLY A 38 12.46 4.46 0.45
C GLY A 38 13.75 5.18 0.79
N PRO A 39 13.94 5.50 2.07
CA PRO A 39 15.13 6.20 2.55
C PRO A 39 16.38 5.34 2.49
N SER A 40 16.21 4.04 2.70
CA SER A 40 17.32 3.10 2.68
C SER A 40 16.98 1.88 1.82
N SER A 41 15.94 1.15 2.23
CA SER A 41 15.51 -0.04 1.51
C SER A 41 13.99 -0.12 1.45
N GLY A 42 13.46 -0.34 0.25
CA GLY A 42 12.01 -0.44 0.09
C GLY A 42 11.64 -1.15 -1.20
ZN ZN B . 3.19 -0.16 -1.55
N GLY A 1 7.70 -7.55 9.38
CA GLY A 1 6.65 -7.97 8.47
C GLY A 1 5.39 -7.13 8.62
N SER A 2 4.31 -7.58 7.99
CA SER A 2 3.04 -6.87 8.04
C SER A 2 1.91 -7.80 8.47
N SER A 3 1.89 -8.99 7.89
CA SER A 3 0.86 -9.98 8.20
C SER A 3 0.45 -9.89 9.67
N GLY A 4 -0.86 -9.83 9.91
CA GLY A 4 -1.36 -9.74 11.27
C GLY A 4 -2.34 -8.60 11.45
N SER A 5 -1.85 -7.49 11.99
CA SER A 5 -2.69 -6.31 12.22
C SER A 5 -3.72 -6.16 11.10
N SER A 6 -3.26 -6.25 9.86
CA SER A 6 -4.13 -6.11 8.71
C SER A 6 -5.36 -7.01 8.84
N GLY A 7 -6.52 -6.51 8.43
CA GLY A 7 -7.73 -7.27 8.52
C GLY A 7 -8.47 -7.34 7.19
N GLN A 8 -9.44 -6.44 7.01
CA GLN A 8 -10.22 -6.40 5.78
C GLN A 8 -9.96 -5.11 5.01
N LYS A 9 -9.25 -5.21 3.90
CA LYS A 9 -8.94 -4.05 3.08
C LYS A 9 -8.87 -4.44 1.60
N PRO A 10 -9.81 -3.89 0.81
CA PRO A 10 -9.88 -4.16 -0.64
C PRO A 10 -8.72 -3.52 -1.40
N TYR A 11 -8.36 -2.30 -1.01
CA TYR A 11 -7.28 -1.58 -1.66
C TYR A 11 -5.92 -2.16 -1.26
N VAL A 12 -5.40 -3.05 -2.09
CA VAL A 12 -4.11 -3.67 -1.83
C VAL A 12 -3.04 -3.16 -2.80
N CYS A 13 -1.88 -2.79 -2.25
CA CYS A 13 -0.78 -2.28 -3.05
C CYS A 13 -0.18 -3.40 -3.91
N ASN A 14 0.05 -3.10 -5.19
CA ASN A 14 0.62 -4.06 -6.11
C ASN A 14 2.14 -3.95 -6.14
N GLU A 15 2.68 -3.02 -5.37
CA GLU A 15 4.12 -2.81 -5.31
C GLU A 15 4.74 -3.60 -4.17
N CYS A 16 4.14 -3.52 -2.99
CA CYS A 16 4.63 -4.23 -1.82
C CYS A 16 3.59 -5.23 -1.32
N GLY A 17 2.32 -4.84 -1.38
CA GLY A 17 1.25 -5.72 -0.94
C GLY A 17 0.57 -5.20 0.31
N LYS A 18 0.64 -3.90 0.53
CA LYS A 18 0.02 -3.27 1.69
C LYS A 18 -1.44 -2.98 1.43
N ALA A 19 -2.31 -3.46 2.33
CA ALA A 19 -3.74 -3.24 2.20
C ALA A 19 -4.19 -2.01 2.97
N PHE A 20 -5.16 -1.29 2.42
CA PHE A 20 -5.68 -0.08 3.05
C PHE A 20 -7.20 -0.05 3.01
N GLY A 21 -7.83 -0.27 4.15
CA GLY A 21 -9.28 -0.25 4.22
C GLY A 21 -9.89 0.90 3.44
N LEU A 22 -9.09 1.94 3.21
CA LEU A 22 -9.55 3.11 2.47
C LEU A 22 -8.82 3.24 1.14
N LYS A 23 -9.46 3.92 0.19
CA LYS A 23 -8.88 4.12 -1.13
C LYS A 23 -7.72 5.12 -1.07
N SER A 24 -8.04 6.36 -0.72
CA SER A 24 -7.04 7.41 -0.62
C SER A 24 -5.81 6.93 0.15
N GLN A 25 -6.06 6.16 1.21
CA GLN A 25 -4.97 5.62 2.03
C GLN A 25 -3.92 4.94 1.17
N LEU A 26 -4.38 4.16 0.19
CA LEU A 26 -3.48 3.45 -0.70
C LEU A 26 -2.86 4.39 -1.72
N ILE A 27 -3.69 5.25 -2.30
CA ILE A 27 -3.22 6.22 -3.30
C ILE A 27 -2.01 6.98 -2.79
N ILE A 28 -2.07 7.41 -1.53
CA ILE A 28 -0.98 8.16 -0.91
C ILE A 28 0.23 7.26 -0.68
N HIS A 29 -0.02 6.00 -0.37
CA HIS A 29 1.05 5.05 -0.12
C HIS A 29 1.80 4.74 -1.41
N GLU A 30 1.07 4.35 -2.44
CA GLU A 30 1.68 4.02 -3.73
C GLU A 30 2.66 5.10 -4.16
N ARG A 31 2.49 6.31 -3.62
CA ARG A 31 3.36 7.43 -3.95
C ARG A 31 4.82 7.08 -3.67
N ILE A 32 5.04 6.28 -2.62
CA ILE A 32 6.39 5.88 -2.24
C ILE A 32 7.09 5.16 -3.39
N HIS A 33 6.29 4.50 -4.24
CA HIS A 33 6.84 3.78 -5.38
C HIS A 33 6.89 4.67 -6.62
N THR A 34 5.77 5.35 -6.90
CA THR A 34 5.69 6.23 -8.05
C THR A 34 6.99 7.01 -8.25
N GLY A 35 7.56 7.49 -7.15
CA GLY A 35 8.80 8.24 -7.23
C GLY A 35 9.95 7.40 -7.72
N GLU A 36 11.17 7.76 -7.31
CA GLU A 36 12.36 7.03 -7.71
C GLU A 36 12.21 5.53 -7.43
N SER A 37 12.16 4.74 -8.50
CA SER A 37 12.01 3.29 -8.38
C SER A 37 12.14 2.61 -9.73
N GLY A 38 12.14 1.29 -9.73
CA GLY A 38 12.25 0.54 -10.96
C GLY A 38 11.07 0.75 -11.88
N PRO A 39 11.29 0.53 -13.19
CA PRO A 39 10.24 0.71 -14.20
C PRO A 39 9.16 -0.36 -14.11
N SER A 40 9.57 -1.62 -14.05
CA SER A 40 8.63 -2.73 -13.96
C SER A 40 7.35 -2.43 -14.73
N SER A 41 7.51 -1.83 -15.91
CA SER A 41 6.36 -1.48 -16.75
C SER A 41 6.30 -2.39 -17.97
N GLY A 42 5.11 -2.95 -18.22
CA GLY A 42 4.93 -3.82 -19.36
C GLY A 42 3.49 -4.24 -19.55
ZN ZN B . 3.19 -0.34 -1.55
N GLY A 1 -3.27 -18.57 3.25
CA GLY A 1 -4.05 -17.64 2.46
C GLY A 1 -4.72 -16.57 3.32
N SER A 2 -5.33 -17.00 4.41
CA SER A 2 -6.02 -16.09 5.31
C SER A 2 -5.01 -15.27 6.13
N SER A 3 -4.51 -14.20 5.54
CA SER A 3 -3.54 -13.35 6.21
C SER A 3 -4.12 -12.76 7.49
N GLY A 4 -3.25 -12.45 8.44
CA GLY A 4 -3.69 -11.88 9.70
C GLY A 4 -3.95 -10.39 9.61
N SER A 5 -5.01 -10.01 8.91
CA SER A 5 -5.36 -8.60 8.75
C SER A 5 -6.37 -8.17 9.80
N SER A 6 -6.20 -6.95 10.30
CA SER A 6 -7.09 -6.41 11.32
C SER A 6 -8.53 -6.41 10.82
N GLY A 7 -8.77 -5.75 9.69
CA GLY A 7 -10.11 -5.68 9.14
C GLY A 7 -10.13 -5.91 7.64
N GLN A 8 -11.19 -5.46 7.00
CA GLN A 8 -11.33 -5.63 5.55
C GLN A 8 -10.60 -4.52 4.80
N LYS A 9 -9.68 -4.91 3.93
CA LYS A 9 -8.91 -3.94 3.16
C LYS A 9 -8.83 -4.37 1.69
N PRO A 10 -9.78 -3.90 0.87
CA PRO A 10 -9.83 -4.21 -0.56
C PRO A 10 -8.70 -3.56 -1.34
N TYR A 11 -8.38 -2.32 -0.98
CA TYR A 11 -7.31 -1.58 -1.65
C TYR A 11 -5.95 -2.12 -1.25
N VAL A 12 -5.42 -3.04 -2.06
CA VAL A 12 -4.11 -3.63 -1.79
C VAL A 12 -3.06 -3.11 -2.76
N CYS A 13 -1.88 -2.82 -2.23
CA CYS A 13 -0.78 -2.31 -3.06
C CYS A 13 -0.17 -3.43 -3.90
N ASN A 14 -0.04 -3.18 -5.20
CA ASN A 14 0.54 -4.16 -6.11
C ASN A 14 2.06 -4.03 -6.16
N GLU A 15 2.59 -3.07 -5.42
CA GLU A 15 4.02 -2.84 -5.39
C GLU A 15 4.68 -3.63 -4.26
N CYS A 16 4.07 -3.58 -3.08
CA CYS A 16 4.59 -4.28 -1.92
C CYS A 16 3.56 -5.29 -1.39
N GLY A 17 2.30 -4.88 -1.38
CA GLY A 17 1.24 -5.75 -0.89
C GLY A 17 0.57 -5.23 0.36
N LYS A 18 0.57 -3.91 0.52
CA LYS A 18 -0.04 -3.28 1.68
C LYS A 18 -1.52 -3.00 1.44
N ALA A 19 -2.36 -3.45 2.36
CA ALA A 19 -3.80 -3.26 2.25
C ALA A 19 -4.25 -2.01 3.02
N PHE A 20 -5.20 -1.28 2.44
CA PHE A 20 -5.71 -0.07 3.07
C PHE A 20 -7.23 -0.05 3.05
N GLY A 21 -7.85 -0.19 4.22
CA GLY A 21 -9.29 -0.19 4.31
C GLY A 21 -9.92 0.92 3.50
N LEU A 22 -9.12 1.95 3.18
CA LEU A 22 -9.61 3.07 2.41
C LEU A 22 -8.86 3.19 1.08
N LYS A 23 -9.48 3.86 0.11
CA LYS A 23 -8.87 4.05 -1.19
C LYS A 23 -7.71 5.05 -1.13
N SER A 24 -8.05 6.31 -0.87
CA SER A 24 -7.03 7.36 -0.77
C SER A 24 -5.84 6.89 0.04
N GLN A 25 -6.10 6.15 1.11
CA GLN A 25 -5.04 5.64 1.97
C GLN A 25 -3.96 4.94 1.14
N LEU A 26 -4.38 4.14 0.18
CA LEU A 26 -3.46 3.41 -0.69
C LEU A 26 -2.81 4.35 -1.69
N ILE A 27 -3.61 5.26 -2.25
CA ILE A 27 -3.11 6.22 -3.23
C ILE A 27 -1.92 7.00 -2.69
N ILE A 28 -2.03 7.44 -1.44
CA ILE A 28 -0.95 8.19 -0.80
C ILE A 28 0.26 7.32 -0.55
N HIS A 29 0.01 6.03 -0.28
CA HIS A 29 1.09 5.09 -0.03
C HIS A 29 1.86 4.77 -1.31
N GLU A 30 1.12 4.36 -2.35
CA GLU A 30 1.73 4.02 -3.63
C GLU A 30 2.71 5.12 -4.08
N ARG A 31 2.54 6.31 -3.51
CA ARG A 31 3.40 7.43 -3.84
C ARG A 31 4.87 7.09 -3.63
N ILE A 32 5.13 6.23 -2.65
CA ILE A 32 6.49 5.81 -2.35
C ILE A 32 7.14 5.15 -3.56
N HIS A 33 6.34 4.44 -4.34
CA HIS A 33 6.83 3.75 -5.52
C HIS A 33 6.82 4.68 -6.74
N THR A 34 5.72 5.41 -6.90
CA THR A 34 5.57 6.32 -8.02
C THR A 34 6.85 7.12 -8.25
N GLY A 35 7.58 7.39 -7.17
CA GLY A 35 8.81 8.13 -7.27
C GLY A 35 9.58 7.82 -8.55
N GLU A 36 10.42 6.81 -8.51
CA GLU A 36 11.21 6.41 -9.67
C GLU A 36 10.41 5.49 -10.58
N SER A 37 9.10 5.71 -10.65
CA SER A 37 8.23 4.90 -11.48
C SER A 37 8.68 3.44 -11.48
N GLY A 38 9.06 2.94 -10.31
CA GLY A 38 9.51 1.57 -10.19
C GLY A 38 8.48 0.58 -10.70
N PRO A 39 8.94 -0.40 -11.49
CA PRO A 39 8.07 -1.43 -12.06
C PRO A 39 7.55 -2.40 -11.00
N SER A 40 6.48 -3.11 -11.34
CA SER A 40 5.88 -4.08 -10.42
C SER A 40 6.80 -5.27 -10.20
N SER A 41 7.24 -5.45 -8.96
CA SER A 41 8.12 -6.56 -8.62
C SER A 41 7.47 -7.50 -7.61
N GLY A 42 6.19 -7.78 -7.83
CA GLY A 42 5.47 -8.67 -6.93
C GLY A 42 4.26 -8.00 -6.31
ZN ZN B . 3.24 -0.36 -1.70
N GLY A 1 1.67 -15.56 15.89
CA GLY A 1 0.74 -14.48 15.62
C GLY A 1 1.11 -13.20 16.32
N SER A 2 2.11 -12.49 15.79
CA SER A 2 2.57 -11.24 16.37
C SER A 2 1.77 -10.06 15.83
N SER A 3 1.58 -10.04 14.51
CA SER A 3 0.84 -8.97 13.86
C SER A 3 -0.57 -9.43 13.49
N GLY A 4 -1.57 -8.79 14.09
CA GLY A 4 -2.95 -9.14 13.81
C GLY A 4 -3.89 -7.95 13.88
N SER A 5 -4.65 -7.73 12.81
CA SER A 5 -5.58 -6.61 12.77
C SER A 5 -6.98 -7.09 12.38
N SER A 6 -7.97 -6.25 12.62
CA SER A 6 -9.35 -6.57 12.30
C SER A 6 -9.91 -5.64 11.23
N GLY A 7 -10.87 -6.15 10.45
CA GLY A 7 -11.46 -5.34 9.40
C GLY A 7 -11.15 -5.87 8.01
N GLN A 8 -11.59 -5.15 6.99
CA GLN A 8 -11.36 -5.56 5.61
C GLN A 8 -10.64 -4.46 4.83
N LYS A 9 -9.66 -4.86 4.02
CA LYS A 9 -8.90 -3.90 3.22
C LYS A 9 -8.81 -4.36 1.78
N PRO A 10 -9.75 -3.88 0.94
CA PRO A 10 -9.80 -4.22 -0.48
C PRO A 10 -8.65 -3.61 -1.27
N TYR A 11 -8.34 -2.36 -0.96
CA TYR A 11 -7.26 -1.66 -1.65
C TYR A 11 -5.89 -2.21 -1.24
N VAL A 12 -5.33 -3.06 -2.09
CA VAL A 12 -4.03 -3.66 -1.82
C VAL A 12 -2.96 -3.13 -2.77
N CYS A 13 -1.81 -2.77 -2.22
CA CYS A 13 -0.71 -2.25 -3.02
C CYS A 13 -0.04 -3.37 -3.83
N ASN A 14 -0.02 -3.18 -5.15
CA ASN A 14 0.59 -4.18 -6.04
C ASN A 14 2.10 -4.02 -6.09
N GLU A 15 2.61 -3.02 -5.38
CA GLU A 15 4.03 -2.75 -5.34
C GLU A 15 4.70 -3.51 -4.19
N CYS A 16 4.09 -3.43 -3.01
CA CYS A 16 4.62 -4.11 -1.83
C CYS A 16 3.63 -5.13 -1.31
N GLY A 17 2.34 -4.78 -1.35
CA GLY A 17 1.31 -5.68 -0.87
C GLY A 17 0.62 -5.15 0.38
N LYS A 18 0.63 -3.84 0.56
CA LYS A 18 0.01 -3.21 1.71
C LYS A 18 -1.47 -2.93 1.44
N ALA A 19 -2.33 -3.42 2.33
CA ALA A 19 -3.76 -3.22 2.20
C ALA A 19 -4.23 -1.99 2.98
N PHE A 20 -5.22 -1.29 2.44
CA PHE A 20 -5.76 -0.10 3.09
C PHE A 20 -7.29 -0.10 3.04
N GLY A 21 -7.91 -0.14 4.21
CA GLY A 21 -9.36 -0.14 4.28
C GLY A 21 -9.98 0.99 3.47
N LEU A 22 -9.16 1.98 3.13
CA LEU A 22 -9.64 3.13 2.35
C LEU A 22 -8.86 3.26 1.05
N LYS A 23 -9.47 3.93 0.08
CA LYS A 23 -8.83 4.13 -1.23
C LYS A 23 -7.67 5.12 -1.12
N SER A 24 -8.00 6.38 -0.90
CA SER A 24 -6.99 7.43 -0.77
C SER A 24 -5.80 6.94 0.07
N GLN A 25 -6.10 6.20 1.13
CA GLN A 25 -5.07 5.68 2.01
C GLN A 25 -3.99 4.97 1.21
N LEU A 26 -4.40 4.18 0.22
CA LEU A 26 -3.46 3.45 -0.62
C LEU A 26 -2.82 4.37 -1.65
N ILE A 27 -3.64 5.21 -2.28
CA ILE A 27 -3.15 6.14 -3.29
C ILE A 27 -1.97 6.95 -2.76
N ILE A 28 -2.08 7.40 -1.51
CA ILE A 28 -1.02 8.18 -0.88
C ILE A 28 0.20 7.33 -0.60
N HIS A 29 -0.03 6.06 -0.27
CA HIS A 29 1.05 5.13 0.02
C HIS A 29 1.84 4.79 -1.23
N GLU A 30 1.12 4.41 -2.28
CA GLU A 30 1.75 4.05 -3.55
C GLU A 30 2.75 5.13 -3.98
N ARG A 31 2.61 6.32 -3.42
CA ARG A 31 3.49 7.44 -3.75
C ARG A 31 4.95 7.05 -3.56
N ILE A 32 5.19 6.16 -2.59
CA ILE A 32 6.55 5.71 -2.30
C ILE A 32 7.15 4.98 -3.50
N HIS A 33 6.28 4.48 -4.38
CA HIS A 33 6.73 3.76 -5.57
C HIS A 33 6.70 4.67 -6.79
N THR A 34 5.65 5.48 -6.91
CA THR A 34 5.50 6.39 -8.04
C THR A 34 6.82 7.08 -8.36
N GLY A 35 7.63 7.30 -7.33
CA GLY A 35 8.91 7.95 -7.52
C GLY A 35 9.82 7.19 -8.47
N GLU A 36 10.69 6.37 -7.92
CA GLU A 36 11.63 5.58 -8.72
C GLU A 36 11.07 4.18 -8.96
N SER A 37 11.10 3.75 -10.22
CA SER A 37 10.60 2.42 -10.58
C SER A 37 11.05 2.05 -12.00
N GLY A 38 11.78 0.94 -12.10
CA GLY A 38 12.27 0.48 -13.39
C GLY A 38 11.13 0.22 -14.36
N PRO A 39 11.45 0.21 -15.66
CA PRO A 39 10.47 -0.03 -16.72
C PRO A 39 9.99 -1.48 -16.75
N SER A 40 10.51 -2.28 -15.83
CA SER A 40 10.14 -3.68 -15.74
C SER A 40 9.04 -3.90 -14.70
N SER A 41 8.06 -3.01 -14.69
CA SER A 41 6.96 -3.09 -13.74
C SER A 41 5.78 -2.25 -14.21
N GLY A 42 4.66 -2.92 -14.48
CA GLY A 42 3.47 -2.23 -14.94
C GLY A 42 2.29 -3.16 -15.13
ZN ZN B . 3.23 -0.21 -1.55
N GLY A 1 -5.22 -9.79 22.14
CA GLY A 1 -6.67 -9.82 22.03
C GLY A 1 -7.23 -8.53 21.46
N SER A 2 -8.08 -8.66 20.44
CA SER A 2 -8.68 -7.50 19.79
C SER A 2 -10.08 -7.82 19.30
N SER A 3 -10.93 -6.80 19.27
CA SER A 3 -12.32 -6.98 18.82
C SER A 3 -12.36 -7.32 17.34
N GLY A 4 -11.75 -6.47 16.51
CA GLY A 4 -11.73 -6.70 15.08
C GLY A 4 -10.34 -6.93 14.55
N SER A 5 -9.67 -7.95 15.09
CA SER A 5 -8.31 -8.28 14.66
C SER A 5 -8.28 -8.65 13.18
N SER A 6 -9.24 -9.45 12.76
CA SER A 6 -9.32 -9.88 11.36
C SER A 6 -9.04 -8.73 10.42
N GLY A 7 -9.85 -7.68 10.52
CA GLY A 7 -9.67 -6.52 9.66
C GLY A 7 -9.84 -6.84 8.19
N GLN A 8 -10.32 -5.87 7.43
CA GLN A 8 -10.53 -6.07 5.99
C GLN A 8 -10.06 -4.85 5.20
N LYS A 9 -9.30 -5.08 4.15
CA LYS A 9 -8.78 -4.01 3.30
C LYS A 9 -8.72 -4.45 1.85
N PRO A 10 -9.66 -3.96 1.04
CA PRO A 10 -9.72 -4.27 -0.39
C PRO A 10 -8.58 -3.65 -1.18
N TYR A 11 -8.34 -2.36 -0.95
CA TYR A 11 -7.28 -1.64 -1.64
C TYR A 11 -5.91 -2.20 -1.25
N VAL A 12 -5.40 -3.11 -2.08
CA VAL A 12 -4.10 -3.73 -1.84
C VAL A 12 -3.05 -3.19 -2.81
N CYS A 13 -1.88 -2.85 -2.27
CA CYS A 13 -0.79 -2.33 -3.09
C CYS A 13 -0.17 -3.43 -3.94
N ASN A 14 0.02 -3.14 -5.23
CA ASN A 14 0.61 -4.11 -6.15
C ASN A 14 2.12 -3.97 -6.19
N GLU A 15 2.65 -3.03 -5.40
CA GLU A 15 4.08 -2.80 -5.35
C GLU A 15 4.72 -3.57 -4.20
N CYS A 16 4.09 -3.52 -3.04
CA CYS A 16 4.60 -4.21 -1.85
C CYS A 16 3.58 -5.22 -1.33
N GLY A 17 2.31 -4.86 -1.42
CA GLY A 17 1.24 -5.74 -0.96
C GLY A 17 0.56 -5.20 0.29
N LYS A 18 0.63 -3.90 0.49
CA LYS A 18 0.01 -3.27 1.65
C LYS A 18 -1.47 -3.01 1.40
N ALA A 19 -2.32 -3.47 2.30
CA ALA A 19 -3.76 -3.28 2.19
C ALA A 19 -4.22 -2.06 2.97
N PHE A 20 -5.16 -1.31 2.41
CA PHE A 20 -5.68 -0.12 3.06
C PHE A 20 -7.21 -0.11 3.02
N GLY A 21 -7.82 -0.20 4.21
CA GLY A 21 -9.27 -0.20 4.29
C GLY A 21 -9.89 0.92 3.48
N LEU A 22 -9.11 1.94 3.17
CA LEU A 22 -9.60 3.07 2.40
C LEU A 22 -8.85 3.19 1.07
N LYS A 23 -9.46 3.87 0.11
CA LYS A 23 -8.86 4.06 -1.20
C LYS A 23 -7.72 5.08 -1.14
N SER A 24 -8.07 6.32 -0.83
CA SER A 24 -7.08 7.40 -0.74
C SER A 24 -5.87 6.95 0.07
N GLN A 25 -6.13 6.20 1.14
CA GLN A 25 -5.06 5.71 2.00
C GLN A 25 -3.98 5.01 1.18
N LEU A 26 -4.40 4.21 0.20
CA LEU A 26 -3.46 3.49 -0.66
C LEU A 26 -2.84 4.43 -1.69
N ILE A 27 -3.65 5.34 -2.21
CA ILE A 27 -3.17 6.30 -3.19
C ILE A 27 -1.95 7.08 -2.68
N ILE A 28 -2.02 7.49 -1.42
CA ILE A 28 -0.93 8.24 -0.81
C ILE A 28 0.29 7.34 -0.58
N HIS A 29 0.04 6.06 -0.30
CA HIS A 29 1.10 5.10 -0.06
C HIS A 29 1.84 4.79 -1.36
N GLU A 30 1.09 4.43 -2.40
CA GLU A 30 1.68 4.11 -3.69
C GLU A 30 2.64 5.20 -4.14
N ARG A 31 2.52 6.38 -3.54
CA ARG A 31 3.38 7.50 -3.88
C ARG A 31 4.85 7.16 -3.64
N ILE A 32 5.10 6.27 -2.69
CA ILE A 32 6.45 5.86 -2.36
C ILE A 32 7.10 5.12 -3.53
N HIS A 33 6.29 4.41 -4.30
CA HIS A 33 6.78 3.67 -5.44
C HIS A 33 6.80 4.55 -6.69
N THR A 34 5.74 5.32 -6.88
CA THR A 34 5.64 6.21 -8.04
C THR A 34 6.94 6.98 -8.24
N GLY A 35 7.46 7.54 -7.16
CA GLY A 35 8.70 8.32 -7.24
C GLY A 35 8.82 9.07 -8.55
N GLU A 36 9.86 8.77 -9.31
CA GLU A 36 10.10 9.43 -10.60
C GLU A 36 11.24 8.76 -11.35
N SER A 37 10.99 8.42 -12.61
CA SER A 37 11.99 7.78 -13.44
C SER A 37 13.38 8.29 -13.11
N GLY A 38 14.25 7.39 -12.68
CA GLY A 38 15.62 7.77 -12.34
C GLY A 38 16.59 6.62 -12.45
N PRO A 39 17.89 6.94 -12.60
CA PRO A 39 18.94 5.94 -12.73
C PRO A 39 19.18 5.18 -11.43
N SER A 40 19.18 3.85 -11.51
CA SER A 40 19.40 3.01 -10.34
C SER A 40 20.81 2.44 -10.34
N SER A 41 21.22 1.90 -9.20
CA SER A 41 22.56 1.33 -9.06
C SER A 41 22.48 -0.08 -8.47
N GLY A 42 22.28 -1.07 -9.33
CA GLY A 42 22.19 -2.44 -8.87
C GLY A 42 20.78 -2.82 -8.43
ZN ZN B . 3.17 -0.33 -1.61
N GLY A 1 -8.13 -16.80 24.22
CA GLY A 1 -7.91 -16.02 23.02
C GLY A 1 -9.22 -15.60 22.36
N SER A 2 -9.71 -14.43 22.72
CA SER A 2 -10.96 -13.92 22.16
C SER A 2 -10.79 -12.48 21.69
N SER A 3 -10.26 -12.31 20.48
CA SER A 3 -10.04 -10.99 19.91
C SER A 3 -10.98 -10.74 18.74
N GLY A 4 -11.82 -9.70 18.86
CA GLY A 4 -12.75 -9.38 17.81
C GLY A 4 -12.10 -8.60 16.68
N SER A 5 -10.95 -9.07 16.22
CA SER A 5 -10.24 -8.41 15.13
C SER A 5 -11.04 -8.45 13.84
N SER A 6 -11.83 -7.42 13.61
CA SER A 6 -12.66 -7.35 12.40
C SER A 6 -12.13 -6.27 11.46
N GLY A 7 -12.69 -6.23 10.25
CA GLY A 7 -12.27 -5.26 9.27
C GLY A 7 -11.77 -5.91 7.99
N GLN A 8 -11.79 -5.15 6.90
CA GLN A 8 -11.33 -5.65 5.61
C GLN A 8 -10.67 -4.55 4.80
N LYS A 9 -9.54 -4.88 4.16
CA LYS A 9 -8.80 -3.92 3.35
C LYS A 9 -8.72 -4.38 1.90
N PRO A 10 -9.68 -3.93 1.08
CA PRO A 10 -9.73 -4.27 -0.34
C PRO A 10 -8.60 -3.65 -1.14
N TYR A 11 -8.35 -2.36 -0.90
CA TYR A 11 -7.29 -1.64 -1.60
C TYR A 11 -5.92 -2.19 -1.24
N VAL A 12 -5.42 -3.10 -2.06
CA VAL A 12 -4.11 -3.72 -1.82
C VAL A 12 -3.07 -3.18 -2.80
N CYS A 13 -1.90 -2.82 -2.28
CA CYS A 13 -0.82 -2.30 -3.09
C CYS A 13 -0.21 -3.39 -3.97
N ASN A 14 0.09 -3.03 -5.21
CA ASN A 14 0.67 -3.99 -6.15
C ASN A 14 2.20 -3.87 -6.16
N GLU A 15 2.71 -2.89 -5.44
CA GLU A 15 4.16 -2.67 -5.36
C GLU A 15 4.78 -3.50 -4.24
N CYS A 16 4.13 -3.47 -3.07
CA CYS A 16 4.61 -4.22 -1.92
C CYS A 16 3.59 -5.23 -1.44
N GLY A 17 2.32 -4.82 -1.45
CA GLY A 17 1.24 -5.70 -1.02
C GLY A 17 0.56 -5.21 0.24
N LYS A 18 0.61 -3.90 0.47
CA LYS A 18 -0.02 -3.31 1.64
C LYS A 18 -1.49 -3.01 1.39
N ALA A 19 -2.35 -3.49 2.29
CA ALA A 19 -3.78 -3.27 2.16
C ALA A 19 -4.23 -2.04 2.96
N PHE A 20 -5.19 -1.31 2.42
CA PHE A 20 -5.70 -0.11 3.08
C PHE A 20 -7.23 -0.09 3.04
N GLY A 21 -7.84 -0.17 4.22
CA GLY A 21 -9.29 -0.16 4.30
C GLY A 21 -9.91 0.99 3.52
N LEU A 22 -9.09 1.98 3.20
CA LEU A 22 -9.56 3.15 2.44
C LEU A 22 -8.80 3.27 1.12
N LYS A 23 -9.44 3.91 0.14
CA LYS A 23 -8.83 4.10 -1.17
C LYS A 23 -7.69 5.11 -1.10
N SER A 24 -8.04 6.36 -0.80
CA SER A 24 -7.05 7.43 -0.71
C SER A 24 -5.83 6.97 0.09
N GLN A 25 -6.08 6.20 1.15
CA GLN A 25 -5.01 5.69 2.00
C GLN A 25 -3.95 4.99 1.17
N LEU A 26 -4.40 4.20 0.20
CA LEU A 26 -3.48 3.46 -0.67
C LEU A 26 -2.85 4.38 -1.70
N ILE A 27 -3.67 5.28 -2.25
CA ILE A 27 -3.18 6.22 -3.26
C ILE A 27 -1.98 7.00 -2.75
N ILE A 28 -2.04 7.43 -1.49
CA ILE A 28 -0.95 8.18 -0.89
C ILE A 28 0.26 7.29 -0.64
N HIS A 29 0.00 6.03 -0.30
CA HIS A 29 1.06 5.07 -0.04
C HIS A 29 1.82 4.74 -1.31
N GLU A 30 1.10 4.37 -2.36
CA GLU A 30 1.69 4.02 -3.63
C GLU A 30 2.66 5.11 -4.09
N ARG A 31 2.49 6.31 -3.55
CA ARG A 31 3.36 7.44 -3.90
C ARG A 31 4.82 7.12 -3.61
N ILE A 32 5.04 6.22 -2.66
CA ILE A 32 6.40 5.83 -2.28
C ILE A 32 7.10 5.13 -3.44
N HIS A 33 6.33 4.50 -4.31
CA HIS A 33 6.89 3.79 -5.46
C HIS A 33 6.90 4.70 -6.70
N THR A 34 5.78 5.39 -6.93
CA THR A 34 5.67 6.29 -8.07
C THR A 34 6.98 7.03 -8.32
N GLY A 35 7.64 7.43 -7.24
CA GLY A 35 8.89 8.15 -7.35
C GLY A 35 10.06 7.23 -7.64
N GLU A 36 10.16 6.13 -6.89
CA GLU A 36 11.24 5.18 -7.07
C GLU A 36 11.13 4.48 -8.43
N SER A 37 12.27 4.37 -9.12
CA SER A 37 12.30 3.73 -10.43
C SER A 37 13.35 2.64 -10.47
N GLY A 38 13.46 1.88 -9.38
CA GLY A 38 14.44 0.81 -9.32
C GLY A 38 14.22 -0.24 -10.37
N PRO A 39 14.50 -1.51 -10.03
CA PRO A 39 14.33 -2.64 -10.95
C PRO A 39 12.87 -2.94 -11.23
N SER A 40 12.63 -3.86 -12.16
CA SER A 40 11.28 -4.25 -12.53
C SER A 40 11.23 -5.69 -13.03
N SER A 41 10.02 -6.20 -13.23
CA SER A 41 9.84 -7.56 -13.70
C SER A 41 9.47 -7.58 -15.19
N GLY A 42 10.50 -7.66 -16.04
CA GLY A 42 10.26 -7.68 -17.48
C GLY A 42 9.67 -6.38 -17.98
ZN ZN B . 3.21 -0.36 -1.71
N GLY A 1 2.44 -6.90 13.90
CA GLY A 1 2.90 -6.50 12.58
C GLY A 1 2.76 -5.02 12.34
N SER A 2 1.55 -4.50 12.51
CA SER A 2 1.30 -3.08 12.31
C SER A 2 0.21 -2.58 13.26
N SER A 3 0.53 -1.56 14.03
CA SER A 3 -0.42 -1.00 14.98
C SER A 3 -1.69 -0.53 14.28
N GLY A 4 -2.70 -0.18 15.07
CA GLY A 4 -3.96 0.28 14.50
C GLY A 4 -5.04 -0.78 14.55
N SER A 5 -5.91 -0.80 13.54
CA SER A 5 -6.99 -1.78 13.47
C SER A 5 -6.88 -2.62 12.21
N SER A 6 -7.47 -3.81 12.26
CA SER A 6 -7.44 -4.72 11.12
C SER A 6 -8.85 -4.94 10.56
N GLY A 7 -8.93 -5.64 9.44
CA GLY A 7 -10.21 -5.90 8.83
C GLY A 7 -10.09 -6.34 7.38
N GLN A 8 -11.14 -6.09 6.59
CA GLN A 8 -11.14 -6.46 5.19
C GLN A 8 -10.76 -5.28 4.31
N LYS A 9 -9.46 -5.15 4.04
CA LYS A 9 -8.96 -4.05 3.21
C LYS A 9 -8.88 -4.46 1.75
N PRO A 10 -9.82 -3.94 0.94
CA PRO A 10 -9.87 -4.24 -0.50
C PRO A 10 -8.71 -3.62 -1.26
N TYR A 11 -8.39 -2.37 -0.95
CA TYR A 11 -7.30 -1.67 -1.62
C TYR A 11 -5.95 -2.27 -1.23
N VAL A 12 -5.38 -3.07 -2.13
CA VAL A 12 -4.10 -3.71 -1.87
C VAL A 12 -3.04 -3.19 -2.84
N CYS A 13 -1.90 -2.77 -2.29
CA CYS A 13 -0.81 -2.25 -3.10
C CYS A 13 -0.19 -3.36 -3.95
N ASN A 14 -0.05 -3.09 -5.24
CA ASN A 14 0.52 -4.05 -6.17
C ASN A 14 2.04 -3.93 -6.21
N GLU A 15 2.57 -2.99 -5.45
CA GLU A 15 4.01 -2.76 -5.40
C GLU A 15 4.65 -3.57 -4.27
N CYS A 16 4.07 -3.47 -3.08
CA CYS A 16 4.59 -4.19 -1.92
C CYS A 16 3.56 -5.20 -1.41
N GLY A 17 2.30 -4.81 -1.43
CA GLY A 17 1.24 -5.69 -0.97
C GLY A 17 0.55 -5.18 0.28
N LYS A 18 0.63 -3.87 0.50
CA LYS A 18 0.01 -3.24 1.66
C LYS A 18 -1.47 -2.96 1.41
N ALA A 19 -2.31 -3.44 2.32
CA ALA A 19 -3.75 -3.24 2.20
C ALA A 19 -4.20 -2.01 2.98
N PHE A 20 -5.19 -1.29 2.46
CA PHE A 20 -5.71 -0.10 3.10
C PHE A 20 -7.23 -0.08 3.07
N GLY A 21 -7.84 -0.16 4.26
CA GLY A 21 -9.29 -0.16 4.34
C GLY A 21 -9.92 0.98 3.55
N LEU A 22 -9.10 1.97 3.20
CA LEU A 22 -9.59 3.12 2.44
C LEU A 22 -8.84 3.25 1.11
N LYS A 23 -9.46 3.92 0.15
CA LYS A 23 -8.85 4.11 -1.16
C LYS A 23 -7.70 5.12 -1.08
N SER A 24 -8.05 6.36 -0.78
CA SER A 24 -7.05 7.43 -0.68
C SER A 24 -5.84 6.95 0.11
N GLN A 25 -6.09 6.20 1.18
CA GLN A 25 -5.01 5.69 2.02
C GLN A 25 -3.95 4.98 1.18
N LEU A 26 -4.40 4.20 0.20
CA LEU A 26 -3.50 3.47 -0.67
C LEU A 26 -2.87 4.40 -1.71
N ILE A 27 -3.68 5.30 -2.25
CA ILE A 27 -3.21 6.25 -3.25
C ILE A 27 -2.00 7.03 -2.74
N ILE A 28 -2.06 7.43 -1.48
CA ILE A 28 -0.97 8.19 -0.87
C ILE A 28 0.24 7.30 -0.63
N HIS A 29 -0.01 6.03 -0.33
CA HIS A 29 1.07 5.07 -0.09
C HIS A 29 1.81 4.74 -1.39
N GLU A 30 1.06 4.32 -2.40
CA GLU A 30 1.64 3.97 -3.68
C GLU A 30 2.63 5.03 -4.14
N ARG A 31 2.48 6.24 -3.60
CA ARG A 31 3.36 7.35 -3.96
C ARG A 31 4.82 6.99 -3.70
N ILE A 32 5.06 6.24 -2.63
CA ILE A 32 6.41 5.82 -2.27
C ILE A 32 7.11 5.16 -3.46
N HIS A 33 6.34 4.47 -4.29
CA HIS A 33 6.87 3.79 -5.45
C HIS A 33 6.92 4.73 -6.66
N THR A 34 5.80 5.41 -6.90
CA THR A 34 5.70 6.34 -8.02
C THR A 34 7.04 7.03 -8.28
N GLY A 35 7.73 7.40 -7.21
CA GLY A 35 9.02 8.06 -7.34
C GLY A 35 10.09 7.14 -7.89
N GLU A 36 10.50 6.16 -7.09
CA GLU A 36 11.52 5.21 -7.48
C GLU A 36 10.91 3.84 -7.79
N SER A 37 10.30 3.73 -8.96
CA SER A 37 9.66 2.48 -9.37
C SER A 37 10.57 1.69 -10.31
N GLY A 38 11.87 1.75 -10.05
CA GLY A 38 12.83 1.04 -10.88
C GLY A 38 12.97 1.66 -12.25
N PRO A 39 13.78 1.03 -13.11
CA PRO A 39 14.03 1.50 -14.47
C PRO A 39 12.80 1.37 -15.37
N SER A 40 11.75 0.76 -14.82
CA SER A 40 10.52 0.56 -15.58
C SER A 40 10.03 1.86 -16.21
N SER A 41 9.82 2.87 -15.37
CA SER A 41 9.37 4.17 -15.84
C SER A 41 10.41 4.82 -16.75
N GLY A 42 9.93 5.43 -17.83
CA GLY A 42 10.83 6.08 -18.77
C GLY A 42 11.15 7.50 -18.37
ZN ZN B . 3.19 -0.28 -1.65
N GLY A 1 1.73 -10.28 14.12
CA GLY A 1 2.42 -9.04 13.80
C GLY A 1 1.45 -7.92 13.46
N SER A 2 0.84 -7.34 14.49
CA SER A 2 -0.11 -6.26 14.29
C SER A 2 -1.11 -6.59 13.18
N SER A 3 -1.59 -7.84 13.18
CA SER A 3 -2.53 -8.29 12.17
C SER A 3 -3.80 -8.84 12.82
N GLY A 4 -4.95 -8.33 12.39
CA GLY A 4 -6.21 -8.78 12.94
C GLY A 4 -7.17 -9.26 11.88
N SER A 5 -8.32 -9.78 12.30
CA SER A 5 -9.32 -10.29 11.37
C SER A 5 -10.69 -9.68 11.66
N SER A 6 -10.71 -8.37 11.94
CA SER A 6 -11.94 -7.66 12.24
C SER A 6 -12.35 -6.75 11.07
N GLY A 7 -11.38 -6.03 10.53
CA GLY A 7 -11.65 -5.14 9.43
C GLY A 7 -11.23 -5.72 8.09
N GLN A 8 -11.70 -5.10 7.01
CA GLN A 8 -11.37 -5.57 5.67
C GLN A 8 -10.66 -4.49 4.88
N LYS A 9 -9.62 -4.88 4.13
CA LYS A 9 -8.85 -3.94 3.33
C LYS A 9 -8.82 -4.38 1.87
N PRO A 10 -9.78 -3.90 1.08
CA PRO A 10 -9.89 -4.21 -0.35
C PRO A 10 -8.76 -3.59 -1.16
N TYR A 11 -8.44 -2.34 -0.85
CA TYR A 11 -7.39 -1.63 -1.56
C TYR A 11 -6.01 -2.18 -1.20
N VAL A 12 -5.48 -3.04 -2.06
CA VAL A 12 -4.18 -3.64 -1.83
C VAL A 12 -3.13 -3.09 -2.81
N CYS A 13 -1.95 -2.78 -2.29
CA CYS A 13 -0.87 -2.25 -3.11
C CYS A 13 -0.26 -3.34 -3.98
N ASN A 14 -0.13 -3.06 -5.28
CA ASN A 14 0.44 -4.02 -6.21
C ASN A 14 1.96 -3.86 -6.29
N GLU A 15 2.49 -2.91 -5.53
CA GLU A 15 3.93 -2.67 -5.51
C GLU A 15 4.60 -3.46 -4.39
N CYS A 16 4.00 -3.43 -3.21
CA CYS A 16 4.54 -4.14 -2.06
C CYS A 16 3.54 -5.18 -1.55
N GLY A 17 2.27 -4.81 -1.54
CA GLY A 17 1.23 -5.71 -1.07
C GLY A 17 0.57 -5.22 0.20
N LYS A 18 0.59 -3.91 0.42
CA LYS A 18 -0.01 -3.32 1.60
C LYS A 18 -1.49 -3.02 1.37
N ALA A 19 -2.33 -3.48 2.30
CA ALA A 19 -3.77 -3.26 2.19
C ALA A 19 -4.19 -2.02 2.98
N PHE A 20 -5.18 -1.31 2.46
CA PHE A 20 -5.68 -0.10 3.11
C PHE A 20 -7.21 -0.07 3.10
N GLY A 21 -7.81 -0.19 4.28
CA GLY A 21 -9.24 -0.18 4.39
C GLY A 21 -9.87 0.95 3.58
N LEU A 22 -9.08 1.96 3.28
CA LEU A 22 -9.57 3.11 2.50
C LEU A 22 -8.84 3.21 1.17
N LYS A 23 -9.48 3.86 0.20
CA LYS A 23 -8.90 4.03 -1.13
C LYS A 23 -7.74 5.03 -1.08
N SER A 24 -8.06 6.29 -0.81
CA SER A 24 -7.06 7.34 -0.73
C SER A 24 -5.84 6.86 0.06
N GLN A 25 -6.10 6.17 1.16
CA GLN A 25 -5.02 5.66 2.01
C GLN A 25 -3.96 4.95 1.17
N LEU A 26 -4.41 4.18 0.18
CA LEU A 26 -3.50 3.44 -0.68
C LEU A 26 -2.88 4.37 -1.74
N ILE A 27 -3.69 5.31 -2.23
CA ILE A 27 -3.22 6.25 -3.24
C ILE A 27 -2.02 7.05 -2.73
N ILE A 28 -2.07 7.43 -1.46
CA ILE A 28 -0.98 8.20 -0.85
C ILE A 28 0.24 7.32 -0.60
N HIS A 29 -0.01 6.03 -0.36
CA HIS A 29 1.06 5.08 -0.09
C HIS A 29 1.81 4.74 -1.38
N GLU A 30 1.06 4.38 -2.42
CA GLU A 30 1.66 4.03 -3.70
C GLU A 30 2.62 5.12 -4.18
N ARG A 31 2.50 6.29 -3.58
CA ARG A 31 3.36 7.42 -3.94
C ARG A 31 4.82 7.11 -3.65
N ILE A 32 5.05 6.22 -2.70
CA ILE A 32 6.41 5.82 -2.33
C ILE A 32 7.11 5.13 -3.49
N HIS A 33 6.33 4.48 -4.35
CA HIS A 33 6.88 3.77 -5.49
C HIS A 33 7.00 4.71 -6.70
N THR A 34 5.94 5.47 -6.96
CA THR A 34 5.92 6.39 -8.08
C THR A 34 7.27 7.09 -8.24
N GLY A 35 7.93 7.36 -7.11
CA GLY A 35 9.22 8.01 -7.15
C GLY A 35 10.37 7.05 -6.93
N GLU A 36 10.56 6.62 -5.69
CA GLU A 36 11.63 5.71 -5.34
C GLU A 36 11.87 4.71 -6.48
N SER A 37 13.07 4.74 -7.03
CA SER A 37 13.43 3.84 -8.13
C SER A 37 13.57 2.41 -7.63
N GLY A 38 13.18 1.45 -8.47
CA GLY A 38 13.28 0.05 -8.10
C GLY A 38 12.28 -0.82 -8.85
N PRO A 39 12.78 -1.59 -9.83
CA PRO A 39 11.94 -2.47 -10.64
C PRO A 39 11.42 -3.66 -9.84
N SER A 40 12.31 -4.31 -9.10
CA SER A 40 11.95 -5.47 -8.30
C SER A 40 12.23 -5.21 -6.82
N SER A 41 13.51 -5.02 -6.50
CA SER A 41 13.92 -4.77 -5.12
C SER A 41 14.29 -3.30 -4.92
N GLY A 42 13.87 -2.74 -3.79
CA GLY A 42 14.17 -1.35 -3.50
C GLY A 42 12.92 -0.53 -3.26
ZN ZN B . 3.09 -0.24 -1.67
N GLY A 1 -1.21 -1.80 20.51
CA GLY A 1 -0.52 -1.27 19.35
C GLY A 1 -1.37 -1.33 18.09
N SER A 2 -2.61 -0.86 18.21
CA SER A 2 -3.53 -0.86 17.07
C SER A 2 -4.63 0.19 17.27
N SER A 3 -5.12 0.73 16.16
CA SER A 3 -6.17 1.74 16.21
C SER A 3 -7.34 1.35 15.32
N GLY A 4 -7.08 1.15 14.03
CA GLY A 4 -8.13 0.77 13.11
C GLY A 4 -7.60 0.00 11.91
N SER A 5 -6.88 -1.09 12.19
CA SER A 5 -6.31 -1.92 11.14
C SER A 5 -6.92 -3.31 11.14
N SER A 6 -8.23 -3.37 11.36
CA SER A 6 -8.95 -4.64 11.40
C SER A 6 -10.22 -4.58 10.54
N GLY A 7 -10.52 -5.67 9.85
CA GLY A 7 -11.69 -5.72 9.01
C GLY A 7 -11.39 -6.21 7.61
N GLN A 8 -11.83 -5.45 6.61
CA GLN A 8 -11.61 -5.81 5.22
C GLN A 8 -10.94 -4.67 4.46
N LYS A 9 -9.82 -4.97 3.80
CA LYS A 9 -9.09 -3.98 3.04
C LYS A 9 -8.97 -4.39 1.58
N PRO A 10 -9.87 -3.88 0.74
CA PRO A 10 -9.90 -4.17 -0.70
C PRO A 10 -8.71 -3.55 -1.43
N TYR A 11 -8.35 -2.33 -1.04
CA TYR A 11 -7.24 -1.62 -1.66
C TYR A 11 -5.90 -2.23 -1.24
N VAL A 12 -5.32 -3.05 -2.12
CA VAL A 12 -4.05 -3.70 -1.83
C VAL A 12 -2.97 -3.22 -2.80
N CYS A 13 -1.83 -2.80 -2.26
CA CYS A 13 -0.72 -2.32 -3.06
C CYS A 13 -0.13 -3.45 -3.90
N ASN A 14 -0.04 -3.24 -5.21
CA ASN A 14 0.51 -4.24 -6.11
C ASN A 14 2.03 -4.15 -6.16
N GLU A 15 2.60 -3.27 -5.33
CA GLU A 15 4.05 -3.08 -5.30
C GLU A 15 4.66 -3.84 -4.14
N CYS A 16 4.12 -3.62 -2.93
CA CYS A 16 4.61 -4.28 -1.74
C CYS A 16 3.58 -5.27 -1.20
N GLY A 17 2.31 -4.90 -1.30
CA GLY A 17 1.24 -5.76 -0.80
C GLY A 17 0.53 -5.16 0.40
N LYS A 18 0.72 -3.87 0.62
CA LYS A 18 0.08 -3.20 1.75
C LYS A 18 -1.39 -2.92 1.46
N ALA A 19 -2.26 -3.37 2.35
CA ALA A 19 -3.70 -3.18 2.20
C ALA A 19 -4.16 -1.94 2.96
N PHE A 20 -5.19 -1.29 2.44
CA PHE A 20 -5.74 -0.09 3.07
C PHE A 20 -7.26 -0.08 2.98
N GLY A 21 -7.93 -0.22 4.13
CA GLY A 21 -9.37 -0.23 4.16
C GLY A 21 -9.97 0.93 3.39
N LEU A 22 -9.15 1.94 3.12
CA LEU A 22 -9.61 3.11 2.37
C LEU A 22 -8.84 3.27 1.07
N LYS A 23 -9.45 3.92 0.09
CA LYS A 23 -8.82 4.15 -1.20
C LYS A 23 -7.68 5.15 -1.08
N SER A 24 -8.03 6.40 -0.81
CA SER A 24 -7.04 7.47 -0.68
C SER A 24 -5.83 6.97 0.13
N GLN A 25 -6.10 6.18 1.15
CA GLN A 25 -5.04 5.64 2.00
C GLN A 25 -3.96 4.95 1.17
N LEU A 26 -4.41 4.16 0.20
CA LEU A 26 -3.49 3.43 -0.67
C LEU A 26 -2.86 4.37 -1.70
N ILE A 27 -3.68 5.26 -2.25
CA ILE A 27 -3.20 6.22 -3.24
C ILE A 27 -2.00 7.00 -2.73
N ILE A 28 -2.07 7.42 -1.47
CA ILE A 28 -0.98 8.17 -0.85
C ILE A 28 0.23 7.29 -0.60
N HIS A 29 -0.02 6.02 -0.30
CA HIS A 29 1.06 5.07 -0.04
C HIS A 29 1.81 4.75 -1.32
N GLU A 30 1.09 4.36 -2.36
CA GLU A 30 1.69 4.03 -3.64
C GLU A 30 2.66 5.12 -4.09
N ARG A 31 2.52 6.30 -3.50
CA ARG A 31 3.38 7.43 -3.83
C ARG A 31 4.85 7.08 -3.61
N ILE A 32 5.10 6.22 -2.63
CA ILE A 32 6.46 5.80 -2.33
C ILE A 32 7.11 5.11 -3.52
N HIS A 33 6.29 4.43 -4.31
CA HIS A 33 6.79 3.71 -5.48
C HIS A 33 6.80 4.63 -6.71
N THR A 34 5.71 5.37 -6.90
CA THR A 34 5.60 6.28 -8.04
C THR A 34 6.90 7.03 -8.27
N GLY A 35 7.69 7.17 -7.20
CA GLY A 35 8.96 7.87 -7.32
C GLY A 35 10.02 7.31 -6.40
N GLU A 36 11.28 7.53 -6.75
CA GLU A 36 12.40 7.03 -5.95
C GLU A 36 12.78 8.04 -4.87
N SER A 37 12.97 7.55 -3.65
CA SER A 37 13.34 8.40 -2.52
C SER A 37 14.76 8.93 -2.68
N GLY A 38 15.71 8.00 -2.84
CA GLY A 38 17.10 8.39 -3.00
C GLY A 38 18.05 7.43 -2.32
N PRO A 39 19.36 7.68 -2.45
CA PRO A 39 20.40 6.84 -1.85
C PRO A 39 20.43 6.96 -0.33
N SER A 40 21.32 6.19 0.29
CA SER A 40 21.45 6.20 1.75
C SER A 40 20.18 5.68 2.41
N SER A 41 19.60 4.63 1.83
CA SER A 41 18.37 4.05 2.37
C SER A 41 18.11 2.68 1.75
N GLY A 42 17.19 1.93 2.34
CA GLY A 42 16.87 0.60 1.86
C GLY A 42 15.39 0.44 1.55
ZN ZN B . 3.26 -0.35 -1.62
N GLY A 1 8.73 -15.82 7.33
CA GLY A 1 7.82 -14.95 8.06
C GLY A 1 6.43 -15.53 8.15
N SER A 2 5.45 -14.65 8.39
CA SER A 2 4.06 -15.09 8.51
C SER A 2 3.11 -13.90 8.35
N SER A 3 1.83 -14.20 8.14
CA SER A 3 0.82 -13.16 7.96
C SER A 3 -0.01 -13.01 9.22
N GLY A 4 -0.54 -11.80 9.44
CA GLY A 4 -1.36 -11.54 10.60
C GLY A 4 -2.24 -10.33 10.43
N SER A 5 -3.26 -10.44 9.58
CA SER A 5 -4.17 -9.34 9.32
C SER A 5 -5.62 -9.83 9.35
N SER A 6 -6.44 -9.17 10.16
CA SER A 6 -7.84 -9.54 10.29
C SER A 6 -8.73 -8.54 9.54
N GLY A 7 -8.51 -7.25 9.80
CA GLY A 7 -9.30 -6.22 9.14
C GLY A 7 -9.31 -6.37 7.64
N GLN A 8 -10.48 -6.24 7.04
CA GLN A 8 -10.63 -6.36 5.59
C GLN A 8 -10.13 -5.10 4.89
N LYS A 9 -9.45 -5.29 3.75
CA LYS A 9 -8.92 -4.17 2.99
C LYS A 9 -8.83 -4.52 1.50
N PRO A 10 -9.76 -3.98 0.71
CA PRO A 10 -9.80 -4.22 -0.73
C PRO A 10 -8.63 -3.56 -1.47
N TYR A 11 -8.30 -2.34 -1.07
CA TYR A 11 -7.22 -1.60 -1.69
C TYR A 11 -5.87 -2.17 -1.27
N VAL A 12 -5.30 -3.02 -2.11
CA VAL A 12 -4.01 -3.64 -1.83
C VAL A 12 -2.94 -3.13 -2.80
N CYS A 13 -1.80 -2.74 -2.24
CA CYS A 13 -0.69 -2.23 -3.04
C CYS A 13 -0.12 -3.33 -3.93
N ASN A 14 0.17 -2.98 -5.19
CA ASN A 14 0.72 -3.93 -6.15
C ASN A 14 2.24 -3.81 -6.22
N GLU A 15 2.82 -3.10 -5.25
CA GLU A 15 4.27 -2.91 -5.20
C GLU A 15 4.87 -3.66 -4.02
N CYS A 16 4.23 -3.53 -2.86
CA CYS A 16 4.72 -4.18 -1.64
C CYS A 16 3.69 -5.18 -1.12
N GLY A 17 2.41 -4.84 -1.29
CA GLY A 17 1.34 -5.71 -0.83
C GLY A 17 0.65 -5.18 0.41
N LYS A 18 0.66 -3.87 0.57
CA LYS A 18 0.04 -3.23 1.73
C LYS A 18 -1.44 -2.95 1.46
N ALA A 19 -2.30 -3.43 2.35
CA ALA A 19 -3.73 -3.22 2.21
C ALA A 19 -4.19 -1.98 2.97
N PHE A 20 -5.17 -1.27 2.42
CA PHE A 20 -5.69 -0.06 3.04
C PHE A 20 -7.22 -0.04 2.97
N GLY A 21 -7.86 -0.27 4.10
CA GLY A 21 -9.32 -0.26 4.15
C GLY A 21 -9.92 0.88 3.35
N LEU A 22 -9.13 1.93 3.15
CA LEU A 22 -9.58 3.10 2.40
C LEU A 22 -8.84 3.22 1.08
N LYS A 23 -9.47 3.88 0.10
CA LYS A 23 -8.86 4.08 -1.21
C LYS A 23 -7.73 5.10 -1.14
N SER A 24 -8.07 6.33 -0.76
CA SER A 24 -7.09 7.39 -0.66
C SER A 24 -5.86 6.94 0.12
N GLN A 25 -6.10 6.17 1.18
CA GLN A 25 -5.02 5.66 2.01
C GLN A 25 -3.95 4.98 1.16
N LEU A 26 -4.40 4.18 0.20
CA LEU A 26 -3.48 3.46 -0.69
C LEU A 26 -2.85 4.41 -1.71
N ILE A 27 -3.67 5.32 -2.25
CA ILE A 27 -3.19 6.28 -3.22
C ILE A 27 -1.98 7.04 -2.71
N ILE A 28 -2.05 7.46 -1.45
CA ILE A 28 -0.96 8.21 -0.83
C ILE A 28 0.25 7.32 -0.59
N HIS A 29 -0.01 6.05 -0.29
CA HIS A 29 1.07 5.09 -0.05
C HIS A 29 1.82 4.77 -1.34
N GLU A 30 1.08 4.38 -2.38
CA GLU A 30 1.67 4.05 -3.66
C GLU A 30 2.65 5.14 -4.10
N ARG A 31 2.52 6.32 -3.52
CA ARG A 31 3.38 7.44 -3.85
C ARG A 31 4.85 7.07 -3.64
N ILE A 32 5.10 6.23 -2.63
CA ILE A 32 6.46 5.80 -2.31
C ILE A 32 7.10 5.10 -3.51
N HIS A 33 6.29 4.40 -4.29
CA HIS A 33 6.77 3.68 -5.46
C HIS A 33 6.78 4.59 -6.68
N THR A 34 5.67 5.31 -6.88
CA THR A 34 5.56 6.21 -8.02
C THR A 34 6.85 6.98 -8.26
N GLY A 35 7.51 7.36 -7.18
CA GLY A 35 8.76 8.10 -7.28
C GLY A 35 9.96 7.23 -6.99
N GLU A 36 11.15 7.73 -7.36
CA GLU A 36 12.39 6.99 -7.14
C GLU A 36 12.85 7.13 -5.68
N SER A 37 13.15 8.36 -5.28
CA SER A 37 13.61 8.62 -3.92
C SER A 37 12.88 7.74 -2.92
N GLY A 38 13.61 7.27 -1.91
CA GLY A 38 13.01 6.42 -0.90
C GLY A 38 13.67 5.05 -0.83
N PRO A 39 13.38 4.30 0.25
CA PRO A 39 13.94 2.97 0.45
C PRO A 39 13.38 1.95 -0.54
N SER A 40 12.52 2.41 -1.44
CA SER A 40 11.91 1.54 -2.43
C SER A 40 12.49 1.81 -3.82
N SER A 41 12.84 0.73 -4.52
CA SER A 41 13.41 0.85 -5.86
C SER A 41 12.43 0.37 -6.91
N GLY A 42 12.00 -0.89 -6.78
CA GLY A 42 11.05 -1.45 -7.73
C GLY A 42 11.69 -2.49 -8.64
ZN ZN B . 3.25 -0.28 -1.42
N GLY A 1 -6.04 -15.63 8.25
CA GLY A 1 -4.96 -15.75 9.22
C GLY A 1 -5.14 -14.82 10.40
N SER A 2 -5.81 -15.28 11.44
CA SER A 2 -6.05 -14.48 12.63
C SER A 2 -6.61 -13.12 12.26
N SER A 3 -7.53 -13.10 11.30
CA SER A 3 -8.14 -11.86 10.85
C SER A 3 -9.59 -11.76 11.33
N GLY A 4 -10.38 -12.76 10.99
CA GLY A 4 -11.79 -12.77 11.39
C GLY A 4 -12.45 -11.43 11.19
N SER A 5 -13.33 -11.05 12.12
CA SER A 5 -14.05 -9.79 12.03
C SER A 5 -13.09 -8.62 12.24
N SER A 6 -13.56 -7.42 11.90
CA SER A 6 -12.75 -6.22 12.05
C SER A 6 -11.48 -6.30 11.19
N GLY A 7 -11.65 -6.72 9.95
CA GLY A 7 -10.52 -6.84 9.05
C GLY A 7 -10.95 -6.96 7.59
N GLN A 8 -10.94 -5.85 6.88
CA GLN A 8 -11.34 -5.82 5.48
C GLN A 8 -10.66 -4.68 4.74
N LYS A 9 -9.70 -5.01 3.89
CA LYS A 9 -8.98 -4.02 3.11
C LYS A 9 -8.88 -4.43 1.64
N PRO A 10 -9.85 -3.95 0.84
CA PRO A 10 -9.90 -4.24 -0.60
C PRO A 10 -8.78 -3.57 -1.38
N TYR A 11 -8.43 -2.36 -0.94
CA TYR A 11 -7.37 -1.60 -1.60
C TYR A 11 -5.99 -2.12 -1.21
N VAL A 12 -5.42 -2.97 -2.06
CA VAL A 12 -4.11 -3.54 -1.81
C VAL A 12 -3.07 -3.00 -2.79
N CYS A 13 -1.86 -2.77 -2.29
CA CYS A 13 -0.78 -2.25 -3.12
C CYS A 13 -0.15 -3.36 -3.96
N ASN A 14 -0.16 -3.17 -5.28
CA ASN A 14 0.41 -4.16 -6.19
C ASN A 14 1.93 -4.03 -6.25
N GLU A 15 2.47 -3.04 -5.55
CA GLU A 15 3.91 -2.82 -5.53
C GLU A 15 4.56 -3.61 -4.40
N CYS A 16 3.99 -3.52 -3.20
CA CYS A 16 4.52 -4.22 -2.04
C CYS A 16 3.50 -5.22 -1.50
N GLY A 17 2.23 -4.81 -1.49
CA GLY A 17 1.18 -5.68 -0.99
C GLY A 17 0.49 -5.11 0.23
N LYS A 18 0.67 -3.81 0.47
CA LYS A 18 0.07 -3.15 1.61
C LYS A 18 -1.42 -2.89 1.37
N ALA A 19 -2.25 -3.30 2.31
CA ALA A 19 -3.69 -3.11 2.21
C ALA A 19 -4.13 -1.85 2.94
N PHE A 20 -5.21 -1.22 2.46
CA PHE A 20 -5.72 -0.01 3.07
C PHE A 20 -7.24 0.03 3.00
N GLY A 21 -7.89 -0.22 4.14
CA GLY A 21 -9.33 -0.22 4.19
C GLY A 21 -9.95 0.92 3.40
N LEU A 22 -9.16 1.96 3.18
CA LEU A 22 -9.63 3.13 2.42
C LEU A 22 -8.87 3.27 1.11
N LYS A 23 -9.50 3.91 0.14
CA LYS A 23 -8.89 4.11 -1.17
C LYS A 23 -7.72 5.08 -1.09
N SER A 24 -8.03 6.35 -0.84
CA SER A 24 -7.01 7.38 -0.74
C SER A 24 -5.82 6.89 0.09
N GLN A 25 -6.11 6.08 1.11
CA GLN A 25 -5.07 5.55 1.98
C GLN A 25 -3.98 4.87 1.15
N LEU A 26 -4.40 4.07 0.18
CA LEU A 26 -3.46 3.35 -0.69
C LEU A 26 -2.82 4.30 -1.69
N ILE A 27 -3.64 5.16 -2.29
CA ILE A 27 -3.14 6.12 -3.28
C ILE A 27 -1.96 6.91 -2.73
N ILE A 28 -2.07 7.33 -1.48
CA ILE A 28 -1.01 8.10 -0.83
C ILE A 28 0.23 7.23 -0.60
N HIS A 29 0.01 5.96 -0.28
CA HIS A 29 1.10 5.03 -0.04
C HIS A 29 1.86 4.72 -1.33
N GLU A 30 1.11 4.31 -2.35
CA GLU A 30 1.70 3.98 -3.64
C GLU A 30 2.68 5.07 -4.08
N ARG A 31 2.52 6.26 -3.52
CA ARG A 31 3.39 7.39 -3.86
C ARG A 31 4.86 7.03 -3.64
N ILE A 32 5.11 6.22 -2.63
CA ILE A 32 6.48 5.79 -2.31
C ILE A 32 7.14 5.13 -3.52
N HIS A 33 6.33 4.46 -4.33
CA HIS A 33 6.85 3.79 -5.52
C HIS A 33 6.84 4.73 -6.72
N THR A 34 5.75 5.46 -6.90
CA THR A 34 5.63 6.39 -8.01
C THR A 34 6.93 7.16 -8.22
N GLY A 35 7.69 7.33 -7.15
CA GLY A 35 8.95 8.05 -7.24
C GLY A 35 10.12 7.14 -7.59
N GLU A 36 9.89 6.22 -8.52
CA GLU A 36 10.92 5.29 -8.94
C GLU A 36 11.00 5.20 -10.45
N SER A 37 9.85 5.04 -11.09
CA SER A 37 9.78 4.93 -12.55
C SER A 37 10.92 4.07 -13.08
N GLY A 38 11.19 2.96 -12.40
CA GLY A 38 12.25 2.06 -12.82
C GLY A 38 11.74 0.91 -13.65
N PRO A 39 12.50 -0.19 -13.66
CA PRO A 39 12.14 -1.39 -14.43
C PRO A 39 10.93 -2.12 -13.84
N SER A 40 9.74 -1.67 -14.22
CA SER A 40 8.50 -2.28 -13.74
C SER A 40 8.06 -3.42 -14.64
N SER A 41 7.00 -4.11 -14.22
CA SER A 41 6.47 -5.23 -15.00
C SER A 41 5.86 -4.74 -16.32
N GLY A 42 4.90 -3.83 -16.21
CA GLY A 42 4.25 -3.30 -17.40
C GLY A 42 2.94 -3.99 -17.71
ZN ZN B . 3.21 -0.28 -1.74
N GLY A 1 4.48 -16.86 9.81
CA GLY A 1 3.39 -17.82 9.90
C GLY A 1 2.37 -17.44 10.94
N SER A 2 1.82 -16.23 10.83
CA SER A 2 0.83 -15.75 11.77
C SER A 2 -0.58 -15.83 11.18
N SER A 3 -1.54 -16.21 12.01
CA SER A 3 -2.93 -16.33 11.56
C SER A 3 -3.81 -15.29 12.25
N GLY A 4 -4.45 -14.44 11.45
CA GLY A 4 -5.31 -13.41 12.00
C GLY A 4 -6.27 -12.86 10.96
N SER A 5 -7.29 -12.15 11.43
CA SER A 5 -8.29 -11.56 10.54
C SER A 5 -8.32 -10.05 10.67
N SER A 6 -7.43 -9.38 9.97
CA SER A 6 -7.34 -7.92 10.01
C SER A 6 -8.55 -7.29 9.32
N GLY A 7 -8.83 -6.03 9.68
CA GLY A 7 -9.96 -5.34 9.08
C GLY A 7 -10.01 -5.49 7.57
N GLN A 8 -11.21 -5.57 7.03
CA GLN A 8 -11.39 -5.72 5.58
C GLN A 8 -10.72 -4.59 4.83
N LYS A 9 -9.79 -4.94 3.95
CA LYS A 9 -9.06 -3.95 3.17
C LYS A 9 -8.97 -4.37 1.70
N PRO A 10 -9.90 -3.87 0.88
CA PRO A 10 -9.94 -4.18 -0.55
C PRO A 10 -8.78 -3.56 -1.32
N TYR A 11 -8.43 -2.33 -0.95
CA TYR A 11 -7.33 -1.62 -1.60
C TYR A 11 -5.98 -2.21 -1.21
N VAL A 12 -5.39 -2.98 -2.11
CA VAL A 12 -4.10 -3.60 -1.86
C VAL A 12 -3.05 -3.10 -2.84
N CYS A 13 -1.86 -2.78 -2.32
CA CYS A 13 -0.77 -2.29 -3.15
C CYS A 13 -0.18 -3.41 -4.00
N ASN A 14 0.11 -3.10 -5.26
CA ASN A 14 0.68 -4.07 -6.18
C ASN A 14 2.20 -3.97 -6.21
N GLU A 15 2.74 -3.03 -5.46
CA GLU A 15 4.19 -2.83 -5.40
C GLU A 15 4.79 -3.62 -4.24
N CYS A 16 4.18 -3.51 -3.07
CA CYS A 16 4.67 -4.21 -1.89
C CYS A 16 3.63 -5.20 -1.38
N GLY A 17 2.35 -4.81 -1.47
CA GLY A 17 1.28 -5.68 -1.02
C GLY A 17 0.59 -5.15 0.22
N LYS A 18 0.71 -3.85 0.45
CA LYS A 18 0.09 -3.22 1.61
C LYS A 18 -1.38 -2.95 1.36
N ALA A 19 -2.23 -3.39 2.29
CA ALA A 19 -3.67 -3.18 2.16
C ALA A 19 -4.12 -1.95 2.94
N PHE A 20 -5.19 -1.32 2.46
CA PHE A 20 -5.71 -0.13 3.12
C PHE A 20 -7.24 -0.11 3.07
N GLY A 21 -7.85 -0.17 4.25
CA GLY A 21 -9.31 -0.17 4.33
C GLY A 21 -9.93 0.96 3.53
N LEU A 22 -9.13 1.97 3.21
CA LEU A 22 -9.60 3.12 2.44
C LEU A 22 -8.85 3.24 1.13
N LYS A 23 -9.46 3.92 0.16
CA LYS A 23 -8.84 4.12 -1.15
C LYS A 23 -7.71 5.14 -1.06
N SER A 24 -8.06 6.39 -0.80
CA SER A 24 -7.07 7.45 -0.70
C SER A 24 -5.87 7.00 0.13
N GLN A 25 -6.13 6.20 1.15
CA GLN A 25 -5.06 5.69 2.01
C GLN A 25 -3.99 4.98 1.19
N LEU A 26 -4.42 4.15 0.25
CA LEU A 26 -3.50 3.40 -0.60
C LEU A 26 -2.86 4.33 -1.64
N ILE A 27 -3.68 5.17 -2.26
CA ILE A 27 -3.19 6.10 -3.27
C ILE A 27 -1.98 6.89 -2.76
N ILE A 28 -2.10 7.39 -1.53
CA ILE A 28 -1.01 8.16 -0.93
C ILE A 28 0.20 7.27 -0.66
N HIS A 29 -0.05 6.00 -0.36
CA HIS A 29 1.02 5.05 -0.08
C HIS A 29 1.79 4.71 -1.36
N GLU A 30 1.06 4.37 -2.41
CA GLU A 30 1.67 4.02 -3.68
C GLU A 30 2.64 5.10 -4.14
N ARG A 31 2.52 6.28 -3.54
CA ARG A 31 3.38 7.41 -3.89
C ARG A 31 4.84 7.09 -3.58
N ILE A 32 5.05 6.18 -2.65
CA ILE A 32 6.41 5.78 -2.27
C ILE A 32 7.12 5.07 -3.41
N HIS A 33 6.33 4.51 -4.34
CA HIS A 33 6.88 3.81 -5.49
C HIS A 33 6.94 4.71 -6.71
N THR A 34 5.85 5.45 -6.95
CA THR A 34 5.78 6.35 -8.09
C THR A 34 7.11 7.07 -8.31
N GLY A 35 7.75 7.47 -7.21
CA GLY A 35 9.02 8.15 -7.31
C GLY A 35 10.01 7.42 -8.19
N GLU A 36 10.65 6.39 -7.64
CA GLU A 36 11.63 5.62 -8.39
C GLU A 36 10.94 4.52 -9.20
N SER A 37 11.49 4.24 -10.39
CA SER A 37 10.93 3.21 -11.26
C SER A 37 11.30 1.82 -10.77
N GLY A 38 10.45 0.84 -11.10
CA GLY A 38 10.70 -0.52 -10.68
C GLY A 38 11.55 -1.29 -11.68
N PRO A 39 10.92 -2.22 -12.41
CA PRO A 39 11.59 -3.04 -13.41
C PRO A 39 12.01 -2.24 -14.64
N SER A 40 12.56 -2.92 -15.64
CA SER A 40 13.01 -2.27 -16.86
C SER A 40 11.86 -2.15 -17.86
N SER A 41 10.73 -1.63 -17.41
CA SER A 41 9.56 -1.47 -18.27
C SER A 41 9.42 -0.04 -18.74
N GLY A 42 9.67 0.91 -17.84
CA GLY A 42 9.57 2.32 -18.19
C GLY A 42 8.32 2.96 -17.65
ZN ZN B . 3.23 -0.32 -1.68
N GLY A 1 8.17 -8.57 9.57
CA GLY A 1 6.88 -8.28 8.94
C GLY A 1 6.02 -7.37 9.78
N SER A 2 5.37 -6.41 9.14
CA SER A 2 4.52 -5.45 9.84
C SER A 2 3.14 -5.39 9.19
N SER A 3 2.11 -5.75 9.95
CA SER A 3 0.74 -5.74 9.45
C SER A 3 -0.25 -5.73 10.60
N GLY A 4 -1.35 -5.00 10.42
CA GLY A 4 -2.37 -4.92 11.45
C GLY A 4 -3.47 -5.94 11.26
N SER A 5 -3.85 -6.19 10.00
CA SER A 5 -4.89 -7.15 9.68
C SER A 5 -6.19 -6.79 10.40
N SER A 6 -6.58 -5.52 10.30
CA SER A 6 -7.79 -5.05 10.94
C SER A 6 -8.83 -4.61 9.91
N GLY A 7 -10.01 -5.21 9.96
CA GLY A 7 -11.06 -4.88 9.02
C GLY A 7 -10.69 -5.23 7.59
N GLN A 8 -11.71 -5.41 6.75
CA GLN A 8 -11.48 -5.75 5.35
C GLN A 8 -10.79 -4.61 4.61
N LYS A 9 -9.81 -4.96 3.78
CA LYS A 9 -9.07 -3.96 3.01
C LYS A 9 -8.95 -4.38 1.55
N PRO A 10 -9.86 -3.87 0.70
CA PRO A 10 -9.87 -4.18 -0.72
C PRO A 10 -8.70 -3.55 -1.46
N TYR A 11 -8.34 -2.33 -1.07
CA TYR A 11 -7.24 -1.62 -1.69
C TYR A 11 -5.90 -2.20 -1.25
N VAL A 12 -5.30 -3.02 -2.11
CA VAL A 12 -4.02 -3.63 -1.82
C VAL A 12 -2.94 -3.16 -2.79
N CYS A 13 -1.79 -2.81 -2.25
CA CYS A 13 -0.67 -2.34 -3.07
C CYS A 13 -0.06 -3.49 -3.87
N ASN A 14 0.12 -3.27 -5.17
CA ASN A 14 0.70 -4.29 -6.04
C ASN A 14 2.22 -4.18 -6.07
N GLU A 15 2.75 -3.18 -5.38
CA GLU A 15 4.18 -2.97 -5.33
C GLU A 15 4.81 -3.73 -4.17
N CYS A 16 4.20 -3.63 -3.00
CA CYS A 16 4.68 -4.30 -1.81
C CYS A 16 3.64 -5.28 -1.27
N GLY A 17 2.38 -4.86 -1.27
CA GLY A 17 1.30 -5.70 -0.79
C GLY A 17 0.60 -5.11 0.42
N LYS A 18 0.73 -3.80 0.60
CA LYS A 18 0.10 -3.12 1.71
C LYS A 18 -1.38 -2.85 1.43
N ALA A 19 -2.23 -3.28 2.34
CA ALA A 19 -3.67 -3.09 2.19
C ALA A 19 -4.14 -1.85 2.94
N PHE A 20 -5.20 -1.22 2.44
CA PHE A 20 -5.74 -0.01 3.06
C PHE A 20 -7.26 -0.01 2.99
N GLY A 21 -7.90 -0.22 4.14
CA GLY A 21 -9.36 -0.23 4.19
C GLY A 21 -9.97 0.89 3.39
N LEU A 22 -9.19 1.95 3.15
CA LEU A 22 -9.67 3.10 2.39
C LEU A 22 -8.92 3.23 1.07
N LYS A 23 -9.54 3.90 0.11
CA LYS A 23 -8.93 4.11 -1.20
C LYS A 23 -7.76 5.08 -1.11
N SER A 24 -8.07 6.35 -0.84
CA SER A 24 -7.05 7.39 -0.73
C SER A 24 -5.87 6.90 0.10
N GLN A 25 -6.17 6.14 1.15
CA GLN A 25 -5.14 5.61 2.02
C GLN A 25 -4.04 4.92 1.21
N LEU A 26 -4.45 4.16 0.20
CA LEU A 26 -3.50 3.45 -0.65
C LEU A 26 -2.83 4.40 -1.63
N ILE A 27 -3.63 5.25 -2.25
CA ILE A 27 -3.12 6.21 -3.23
C ILE A 27 -1.92 6.96 -2.66
N ILE A 28 -2.03 7.41 -1.42
CA ILE A 28 -0.95 8.14 -0.76
C ILE A 28 0.26 7.25 -0.55
N HIS A 29 0.01 5.96 -0.30
CA HIS A 29 1.08 5.00 -0.08
C HIS A 29 1.83 4.71 -1.37
N GLU A 30 1.09 4.39 -2.43
CA GLU A 30 1.69 4.10 -3.72
C GLU A 30 2.67 5.19 -4.13
N ARG A 31 2.54 6.36 -3.51
CA ARG A 31 3.40 7.49 -3.81
C ARG A 31 4.88 7.13 -3.57
N ILE A 32 5.10 6.18 -2.66
CA ILE A 32 6.46 5.74 -2.35
C ILE A 32 7.12 5.06 -3.54
N HIS A 33 6.30 4.39 -4.35
CA HIS A 33 6.80 3.70 -5.54
C HIS A 33 6.78 4.62 -6.76
N THR A 34 5.71 5.40 -6.88
CA THR A 34 5.57 6.32 -8.01
C THR A 34 6.89 7.02 -8.31
N GLY A 35 7.60 7.41 -7.26
CA GLY A 35 8.88 8.09 -7.44
C GLY A 35 9.87 7.26 -8.21
N GLU A 36 11.09 7.77 -8.36
CA GLU A 36 12.14 7.05 -9.09
C GLU A 36 13.24 6.61 -8.15
N SER A 37 13.37 5.31 -7.97
CA SER A 37 14.39 4.74 -7.09
C SER A 37 15.21 3.68 -7.81
N GLY A 38 16.25 3.18 -7.14
CA GLY A 38 17.09 2.17 -7.73
C GLY A 38 18.08 2.75 -8.73
N PRO A 39 19.29 2.17 -8.79
CA PRO A 39 20.34 2.62 -9.71
C PRO A 39 20.01 2.31 -11.16
N SER A 40 19.07 1.40 -11.37
CA SER A 40 18.66 1.02 -12.72
C SER A 40 17.36 0.22 -12.69
N SER A 41 16.59 0.32 -13.76
CA SER A 41 15.32 -0.39 -13.86
C SER A 41 15.44 -1.59 -14.80
N GLY A 42 15.78 -1.33 -16.05
CA GLY A 42 15.92 -2.39 -17.03
C GLY A 42 14.58 -2.88 -17.54
ZN ZN B . 3.30 -0.37 -1.60
N GLY A 1 4.74 -3.98 21.81
CA GLY A 1 4.58 -3.53 20.45
C GLY A 1 3.69 -4.44 19.63
N SER A 2 2.48 -3.97 19.32
CA SER A 2 1.53 -4.75 18.55
C SER A 2 1.29 -4.13 17.18
N SER A 3 1.66 -4.86 16.14
CA SER A 3 1.50 -4.38 14.77
C SER A 3 0.87 -5.45 13.88
N GLY A 4 0.65 -5.10 12.61
CA GLY A 4 0.05 -6.04 11.69
C GLY A 4 -1.26 -5.55 11.11
N SER A 5 -1.82 -6.30 10.17
CA SER A 5 -3.07 -5.92 9.53
C SER A 5 -4.05 -7.08 9.54
N SER A 6 -4.87 -7.16 10.59
CA SER A 6 -5.85 -8.24 10.71
C SER A 6 -7.27 -7.69 10.53
N GLY A 7 -7.67 -7.50 9.28
CA GLY A 7 -8.99 -6.99 8.98
C GLY A 7 -9.35 -7.08 7.51
N GLN A 8 -10.30 -6.26 7.08
CA GLN A 8 -10.73 -6.26 5.69
C GLN A 8 -10.22 -5.02 4.96
N LYS A 9 -9.53 -5.23 3.85
CA LYS A 9 -8.98 -4.13 3.06
C LYS A 9 -8.91 -4.50 1.59
N PRO A 10 -9.84 -3.95 0.79
CA PRO A 10 -9.89 -4.21 -0.65
C PRO A 10 -8.74 -3.57 -1.40
N TYR A 11 -8.36 -2.36 -1.00
CA TYR A 11 -7.26 -1.64 -1.64
C TYR A 11 -5.92 -2.24 -1.25
N VAL A 12 -5.34 -3.03 -2.14
CA VAL A 12 -4.04 -3.66 -1.89
C VAL A 12 -2.98 -3.12 -2.83
N CYS A 13 -1.81 -2.82 -2.28
CA CYS A 13 -0.70 -2.30 -3.07
C CYS A 13 -0.04 -3.41 -3.89
N ASN A 14 -0.06 -3.25 -5.20
CA ASN A 14 0.54 -4.23 -6.10
C ASN A 14 2.06 -4.10 -6.13
N GLU A 15 2.58 -3.11 -5.42
CA GLU A 15 4.01 -2.86 -5.36
C GLU A 15 4.66 -3.64 -4.22
N CYS A 16 4.05 -3.54 -3.03
CA CYS A 16 4.57 -4.23 -1.85
C CYS A 16 3.54 -5.22 -1.32
N GLY A 17 2.27 -4.86 -1.40
CA GLY A 17 1.21 -5.74 -0.92
C GLY A 17 0.51 -5.19 0.30
N LYS A 18 0.69 -3.89 0.55
CA LYS A 18 0.06 -3.24 1.69
C LYS A 18 -1.41 -2.97 1.42
N ALA A 19 -2.26 -3.38 2.36
CA ALA A 19 -3.70 -3.18 2.23
C ALA A 19 -4.15 -1.93 2.98
N PHE A 20 -5.16 -1.25 2.44
CA PHE A 20 -5.68 -0.05 3.06
C PHE A 20 -7.21 -0.01 3.00
N GLY A 21 -7.84 -0.24 4.14
CA GLY A 21 -9.29 -0.24 4.20
C GLY A 21 -9.90 0.90 3.42
N LEU A 22 -9.12 1.95 3.19
CA LEU A 22 -9.58 3.12 2.45
C LEU A 22 -8.84 3.26 1.13
N LYS A 23 -9.47 3.89 0.15
CA LYS A 23 -8.86 4.10 -1.15
C LYS A 23 -7.71 5.09 -1.07
N SER A 24 -8.04 6.35 -0.77
CA SER A 24 -7.04 7.40 -0.65
C SER A 24 -5.82 6.91 0.13
N GLN A 25 -6.08 6.17 1.20
CA GLN A 25 -5.02 5.64 2.05
C GLN A 25 -3.96 4.93 1.20
N LEU A 26 -4.42 4.21 0.18
CA LEU A 26 -3.52 3.47 -0.70
C LEU A 26 -2.92 4.41 -1.76
N ILE A 27 -3.72 5.34 -2.24
CA ILE A 27 -3.27 6.29 -3.25
C ILE A 27 -2.08 7.10 -2.74
N ILE A 28 -2.08 7.40 -1.44
CA ILE A 28 -1.00 8.16 -0.83
C ILE A 28 0.23 7.28 -0.59
N HIS A 29 -0.01 5.99 -0.35
CA HIS A 29 1.07 5.05 -0.11
C HIS A 29 1.80 4.70 -1.40
N GLU A 30 1.03 4.31 -2.42
CA GLU A 30 1.61 3.95 -3.71
C GLU A 30 2.61 4.99 -4.17
N ARG A 31 2.47 6.21 -3.65
CA ARG A 31 3.36 7.31 -4.02
C ARG A 31 4.82 6.93 -3.73
N ILE A 32 5.04 6.21 -2.65
CA ILE A 32 6.38 5.79 -2.26
C ILE A 32 7.08 5.07 -3.41
N HIS A 33 6.30 4.47 -4.29
CA HIS A 33 6.85 3.76 -5.45
C HIS A 33 6.89 4.66 -6.67
N THR A 34 5.82 5.43 -6.87
CA THR A 34 5.74 6.34 -8.00
C THR A 34 7.06 7.06 -8.23
N GLY A 35 7.84 7.20 -7.17
CA GLY A 35 9.13 7.88 -7.27
C GLY A 35 9.20 9.14 -6.44
N GLU A 36 9.52 8.98 -5.16
CA GLU A 36 9.61 10.12 -4.25
C GLU A 36 11.04 10.30 -3.74
N SER A 37 11.61 9.22 -3.23
CA SER A 37 12.98 9.25 -2.70
C SER A 37 13.99 8.98 -3.82
N GLY A 38 14.33 10.03 -4.56
CA GLY A 38 15.29 9.89 -5.65
C GLY A 38 16.26 11.04 -5.72
N PRO A 39 16.64 11.44 -6.94
CA PRO A 39 17.58 12.54 -7.17
C PRO A 39 16.97 13.90 -6.82
N SER A 40 16.96 14.21 -5.52
CA SER A 40 16.41 15.48 -5.06
C SER A 40 17.50 16.37 -4.46
N SER A 41 17.33 17.68 -4.58
CA SER A 41 18.30 18.64 -4.08
C SER A 41 18.11 18.84 -2.57
N GLY A 42 16.95 18.43 -2.07
CA GLY A 42 16.66 18.59 -0.65
C GLY A 42 15.17 18.55 -0.36
ZN ZN B . 3.23 -0.27 -1.59
#